data_2IO4
#
_entry.id   2IO4
#
_cell.length_a   104.991
_cell.length_b   112.727
_cell.length_c   101.851
_cell.angle_alpha   90.00
_cell.angle_beta   90.00
_cell.angle_gamma   90.00
#
_symmetry.space_group_name_H-M   'P 21 21 2'
#
loop_
_entity.id
_entity.type
_entity.pdbx_description
1 polymer 'DNA polymerase sliding clamp B'
2 polymer 'DNA polymerase sliding clamp C'
3 non-polymer (4S)-2-METHYL-2,4-PENTANEDIOL
4 non-polymer 'CALCIUM ION'
5 water water
#
loop_
_entity_poly.entity_id
_entity_poly.type
_entity_poly.pdbx_seq_one_letter_code
_entity_poly.pdbx_strand_id
1 'polypeptide(L)'
;MVKIVYPNAKDFFSFINSITNVTDSIILNFTEDGIFSRHLTEDKVLMAIMRIPKDVLSEYSIDSPTSVKLDVSSVKKILS
KASSKKATIELTETDSGLKIIIRDEKSGAKSTIYIKAEKGQVEQLTEPKVNLAVNFTTDESVLNVIAADVTLVGEEMRIS
TEEDKIKIEAGEEGKRYVAFLMKDKPLKELSIDTSASSSYSAEMFKDAVKGLRGFSAPTMVSFGENLPMKIDVEAVSGGH
MIFWIAPRL
;
A,C
2 'polypeptide(L)'
;MMKAKVIDAVSFSYILRTVGDFLSEANFIVTKEGIRVSGIDPSRVVFLDIFLPSSYFEGFEVSQEKEIIGFKLEDVNDIL
KRVLKDDTLILSSNESKLTLTFDGEFTRSFELPLIQVESTQPPSVNLEFPFKAQLLTITFADIIDELSDLGEVLNIHSKE
NKLYFEVIGDLSTAKVELSTDNGTLLEASGADVSSSYGMEYVANTTKMRRASDSMELYFGSQIPLKLRFKLPQEGYGDFY
IAPRAD
;
B,D
#
# COMPACT_ATOMS: atom_id res chain seq x y z
N MET A 1 16.26 59.16 -8.97
CA MET A 1 15.03 58.30 -9.04
C MET A 1 14.92 57.48 -10.34
N VAL A 2 13.99 56.52 -10.35
CA VAL A 2 13.70 55.68 -11.52
C VAL A 2 12.19 55.53 -11.74
N LYS A 3 11.74 55.67 -12.99
CA LYS A 3 10.33 55.45 -13.35
C LYS A 3 10.19 54.45 -14.48
N ILE A 4 9.45 53.38 -14.24
CA ILE A 4 9.27 52.32 -15.22
C ILE A 4 7.81 51.91 -15.34
N VAL A 5 7.38 51.63 -16.56
CA VAL A 5 6.06 51.04 -16.80
C VAL A 5 6.27 49.74 -17.59
N TYR A 6 5.70 48.65 -17.06
CA TYR A 6 5.87 47.30 -17.62
C TYR A 6 4.61 46.86 -18.37
N PRO A 7 4.74 46.53 -19.68
CA PRO A 7 3.57 46.11 -20.48
C PRO A 7 3.01 44.74 -20.09
N ASN A 8 3.86 43.87 -19.56
CA ASN A 8 3.41 42.55 -19.13
C ASN A 8 3.71 42.24 -17.67
N ALA A 9 2.67 42.32 -16.85
CA ALA A 9 2.80 42.02 -15.42
C ALA A 9 3.16 40.54 -15.20
N LYS A 10 2.48 39.65 -15.91
CA LYS A 10 2.70 38.21 -15.72
C LYS A 10 4.18 37.84 -15.83
N ASP A 11 4.87 38.43 -16.80
CA ASP A 11 6.30 38.19 -16.95
C ASP A 11 7.07 38.78 -15.77
N PHE A 12 6.77 40.02 -15.41
CA PHE A 12 7.41 40.68 -14.28
C PHE A 12 7.46 39.76 -13.07
N PHE A 13 6.35 39.07 -12.79
CA PHE A 13 6.29 38.11 -11.69
C PHE A 13 7.09 36.83 -11.96
N SER A 14 7.05 36.33 -13.19
CA SER A 14 7.89 35.18 -13.58
C SER A 14 9.36 35.41 -13.27
N PHE A 15 9.84 36.62 -13.60
CA PHE A 15 11.25 37.00 -13.42
C PHE A 15 11.68 36.93 -11.96
N ILE A 16 10.91 37.59 -11.09
CA ILE A 16 11.19 37.65 -9.66
C ILE A 16 11.14 36.24 -9.05
N ASN A 17 10.18 35.44 -9.50
CA ASN A 17 10.08 34.06 -9.07
C ASN A 17 11.36 33.30 -9.44
N SER A 18 11.85 33.55 -10.65
CA SER A 18 13.06 32.91 -11.18
C SER A 18 14.29 33.13 -10.32
N ILE A 19 14.62 34.40 -10.08
CA ILE A 19 15.79 34.78 -9.30
C ILE A 19 15.71 34.16 -7.89
N THR A 20 14.50 33.88 -7.44
CA THR A 20 14.24 33.23 -6.17
C THR A 20 14.89 31.83 -6.03
N ASN A 21 15.15 31.18 -7.16
CA ASN A 21 15.72 29.85 -7.17
C ASN A 21 17.21 29.83 -6.82
N VAL A 22 17.77 31.00 -6.55
CA VAL A 22 19.20 31.16 -6.34
C VAL A 22 19.48 32.05 -5.10
N THR A 23 18.50 32.88 -4.74
CA THR A 23 18.60 33.85 -3.65
C THR A 23 17.24 34.07 -3.04
N ASP A 24 17.20 34.59 -1.82
CA ASP A 24 15.93 35.02 -1.26
C ASP A 24 15.83 36.54 -1.10
N SER A 25 16.91 37.24 -1.38
CA SER A 25 16.87 38.69 -1.50
C SER A 25 17.27 39.01 -2.95
N ILE A 26 16.86 40.17 -3.47
CA ILE A 26 17.12 40.52 -4.87
C ILE A 26 17.59 41.95 -5.05
N ILE A 27 18.75 42.11 -5.69
CA ILE A 27 19.21 43.43 -6.07
C ILE A 27 18.82 43.70 -7.52
N LEU A 28 17.97 44.71 -7.73
CA LEU A 28 17.65 45.19 -9.07
C LEU A 28 18.58 46.31 -9.41
N ASN A 29 19.19 46.23 -10.59
CA ASN A 29 20.12 47.24 -11.05
C ASN A 29 19.54 48.06 -12.22
N PHE A 30 19.36 49.36 -11.99
CA PHE A 30 18.82 50.24 -13.02
C PHE A 30 19.93 51.04 -13.65
N THR A 31 20.34 50.59 -14.84
CA THR A 31 21.39 51.25 -15.60
C THR A 31 20.75 52.08 -16.71
N GLU A 32 21.57 52.79 -17.48
CA GLU A 32 21.06 53.52 -18.63
C GLU A 32 20.63 52.58 -19.77
N ASP A 33 21.05 51.32 -19.69
CA ASP A 33 20.69 50.34 -20.70
C ASP A 33 19.45 49.53 -20.33
N GLY A 34 19.11 49.51 -19.04
CA GLY A 34 17.91 48.81 -18.57
C GLY A 34 18.03 48.16 -17.20
N ILE A 35 17.20 47.16 -16.95
CA ILE A 35 17.18 46.46 -15.67
C ILE A 35 17.96 45.18 -15.78
N PHE A 36 18.82 44.92 -14.81
CA PHE A 36 19.45 43.61 -14.71
C PHE A 36 19.64 43.15 -13.26
N SER A 37 19.34 41.89 -13.01
CA SER A 37 19.68 41.29 -11.74
C SER A 37 20.65 40.16 -12.00
N ARG A 38 21.53 39.89 -11.03
CA ARG A 38 22.45 38.77 -11.12
C ARG A 38 22.86 38.27 -9.74
N HIS A 39 22.55 37.01 -9.48
CA HIS A 39 22.75 36.42 -8.17
C HIS A 39 23.23 34.98 -8.32
N LEU A 40 23.78 34.46 -7.23
CA LEU A 40 24.56 33.25 -7.25
C LEU A 40 24.23 32.43 -6.01
N THR A 41 23.94 31.15 -6.20
CA THR A 41 23.89 30.23 -5.06
C THR A 41 25.23 30.40 -4.38
N GLU A 42 25.26 30.50 -3.05
CA GLU A 42 26.52 30.99 -2.45
C GLU A 42 27.64 29.98 -2.24
N ASP A 43 27.53 28.85 -2.93
CA ASP A 43 28.69 28.00 -3.15
C ASP A 43 29.15 28.19 -4.60
N LYS A 44 28.60 29.23 -5.24
CA LYS A 44 29.04 29.73 -6.56
C LYS A 44 28.67 28.86 -7.78
N VAL A 45 27.93 27.77 -7.57
CA VAL A 45 27.69 26.82 -8.65
C VAL A 45 26.61 27.25 -9.65
N LEU A 46 25.57 27.93 -9.16
CA LEU A 46 24.46 28.33 -10.00
C LEU A 46 24.26 29.83 -10.01
N MET A 47 24.07 30.38 -11.20
CA MET A 47 23.92 31.82 -11.40
C MET A 47 22.60 32.17 -12.06
N ALA A 48 21.88 33.12 -11.48
CA ALA A 48 20.65 33.63 -12.08
C ALA A 48 20.86 35.05 -12.58
N ILE A 49 20.67 35.27 -13.89
CA ILE A 49 20.77 36.60 -14.49
C ILE A 49 19.48 36.99 -15.22
N MET A 50 18.97 38.17 -14.86
CA MET A 50 17.81 38.75 -15.51
C MET A 50 18.26 39.98 -16.30
N ARG A 51 17.97 39.97 -17.61
CA ARG A 51 18.37 41.08 -18.46
C ARG A 51 17.18 41.64 -19.23
N ILE A 52 16.83 42.88 -18.91
CA ILE A 52 15.69 43.57 -19.51
C ILE A 52 16.12 44.92 -20.07
N PRO A 53 16.22 45.01 -21.42
CA PRO A 53 16.66 46.23 -22.10
C PRO A 53 15.55 47.27 -22.20
N LYS A 54 15.94 48.55 -22.20
CA LYS A 54 15.02 49.68 -22.28
C LYS A 54 13.85 49.44 -23.21
N ASP A 55 14.16 49.12 -24.46
CA ASP A 55 13.20 49.15 -25.57
C ASP A 55 11.97 48.27 -25.40
N VAL A 56 12.06 47.23 -24.58
CA VAL A 56 10.91 46.34 -24.36
C VAL A 56 10.01 46.83 -23.22
N LEU A 57 10.38 47.97 -22.65
CA LEU A 57 9.67 48.56 -21.52
C LEU A 57 8.83 49.72 -22.04
N SER A 58 7.54 49.72 -21.71
CA SER A 58 6.58 50.73 -22.15
C SER A 58 7.01 52.16 -21.81
N GLU A 59 7.79 52.30 -20.74
CA GLU A 59 8.29 53.59 -20.27
C GLU A 59 9.47 53.33 -19.31
N TYR A 60 10.60 53.99 -19.56
CA TYR A 60 11.79 53.82 -18.72
C TYR A 60 12.57 55.12 -18.62
N SER A 61 12.78 55.60 -17.39
CA SER A 61 13.39 56.91 -17.20
C SER A 61 14.15 56.98 -15.88
N ILE A 62 15.39 57.45 -15.94
CA ILE A 62 16.24 57.55 -14.74
C ILE A 62 16.95 58.90 -14.65
N ASP A 63 17.24 59.35 -13.43
CA ASP A 63 18.11 60.50 -13.22
C ASP A 63 19.56 60.04 -13.26
N SER A 64 19.82 58.90 -12.62
CA SER A 64 21.16 58.38 -12.50
C SER A 64 21.07 56.87 -12.23
N PRO A 65 22.11 56.11 -12.65
CA PRO A 65 22.10 54.66 -12.42
C PRO A 65 22.09 54.37 -10.93
N THR A 66 21.16 53.53 -10.50
CA THR A 66 21.05 53.13 -9.11
C THR A 66 20.77 51.63 -9.00
N SER A 67 20.92 51.09 -7.80
CA SER A 67 20.45 49.75 -7.50
C SER A 67 19.45 49.80 -6.36
N VAL A 68 18.58 48.80 -6.27
CA VAL A 68 17.67 48.66 -5.12
C VAL A 68 17.69 47.27 -4.54
N LYS A 69 17.66 47.19 -3.21
CA LYS A 69 17.85 45.94 -2.49
C LYS A 69 16.50 45.49 -1.90
N LEU A 70 15.93 44.45 -2.49
CA LEU A 70 14.68 43.88 -2.03
C LEU A 70 14.98 42.75 -1.07
N ASP A 71 14.74 42.96 0.23
CA ASP A 71 15.05 41.93 1.22
C ASP A 71 14.02 40.81 1.18
N VAL A 72 14.28 39.74 1.93
CA VAL A 72 13.44 38.54 1.89
C VAL A 72 11.96 38.84 2.07
N SER A 73 11.68 39.82 2.93
CA SER A 73 10.31 40.27 3.18
C SER A 73 9.66 40.92 1.93
N SER A 74 10.40 41.83 1.29
CA SER A 74 9.92 42.59 0.14
C SER A 74 9.64 41.71 -1.07
N VAL A 75 10.49 40.71 -1.28
CA VAL A 75 10.24 39.72 -2.33
C VAL A 75 8.93 38.98 -2.05
N LYS A 76 8.77 38.45 -0.84
CA LYS A 76 7.52 37.80 -0.44
C LYS A 76 6.32 38.72 -0.59
N LYS A 77 6.53 40.01 -0.29
CA LYS A 77 5.49 41.04 -0.43
C LYS A 77 5.09 41.24 -1.90
N ILE A 78 6.07 41.33 -2.79
CA ILE A 78 5.82 41.40 -4.23
C ILE A 78 5.16 40.13 -4.78
N LEU A 79 5.70 38.96 -4.43
CA LEU A 79 5.22 37.70 -4.96
C LEU A 79 3.85 37.32 -4.44
N SER A 80 3.51 37.75 -3.23
CA SER A 80 2.18 37.49 -2.67
C SER A 80 1.11 38.03 -3.60
N LYS A 81 1.45 39.11 -4.30
CA LYS A 81 0.51 39.77 -5.18
C LYS A 81 0.66 39.39 -6.66
N ALA A 82 1.26 38.24 -6.93
CA ALA A 82 1.49 37.79 -8.30
C ALA A 82 0.22 37.24 -8.95
N SER A 83 0.12 37.38 -10.27
CA SER A 83 -1.05 36.95 -11.04
C SER A 83 -0.70 36.68 -12.50
N SER A 84 -1.47 35.79 -13.12
CA SER A 84 -1.28 35.50 -14.55
C SER A 84 -2.15 36.41 -15.45
N LYS A 85 -2.97 37.26 -14.84
CA LYS A 85 -3.86 38.18 -15.57
C LYS A 85 -3.06 39.11 -16.48
N LYS A 86 -3.73 39.69 -17.48
CA LYS A 86 -3.11 40.75 -18.28
C LYS A 86 -3.22 42.07 -17.52
N ALA A 87 -2.08 42.68 -17.21
CA ALA A 87 -2.02 43.87 -16.37
C ALA A 87 -0.79 44.74 -16.64
N THR A 88 -0.81 45.94 -16.06
CA THR A 88 0.27 46.91 -16.17
C THR A 88 0.94 47.06 -14.81
N ILE A 89 2.26 47.23 -14.82
CA ILE A 89 3.00 47.58 -13.61
C ILE A 89 3.58 48.97 -13.77
N GLU A 90 3.33 49.84 -12.80
CA GLU A 90 4.06 51.10 -12.69
C GLU A 90 4.99 51.02 -11.50
N LEU A 91 6.29 51.13 -11.76
CA LEU A 91 7.30 51.05 -10.72
C LEU A 91 8.09 52.36 -10.64
N THR A 92 8.08 52.98 -9.47
CA THR A 92 8.92 54.16 -9.23
C THR A 92 9.78 54.02 -7.99
N GLU A 93 10.92 54.69 -8.02
CA GLU A 93 11.75 54.85 -6.84
C GLU A 93 11.10 55.88 -5.90
N THR A 94 11.02 55.54 -4.62
CA THR A 94 10.54 56.49 -3.63
C THR A 94 11.60 56.65 -2.56
N ASP A 95 11.36 57.56 -1.62
CA ASP A 95 12.32 57.89 -0.57
C ASP A 95 12.66 56.71 0.34
N SER A 96 11.67 55.87 0.64
CA SER A 96 11.88 54.73 1.56
C SER A 96 12.06 53.40 0.82
N GLY A 97 11.94 53.45 -0.50
CA GLY A 97 12.21 52.28 -1.33
C GLY A 97 11.58 52.34 -2.70
N LEU A 98 10.52 51.54 -2.88
CA LEU A 98 9.79 51.48 -4.14
C LEU A 98 8.29 51.57 -3.93
N LYS A 99 7.62 52.04 -4.98
CA LYS A 99 6.17 52.08 -5.07
C LYS A 99 5.80 51.33 -6.33
N ILE A 100 4.98 50.29 -6.17
CA ILE A 100 4.51 49.49 -7.30
C ILE A 100 2.97 49.57 -7.46
N ILE A 101 2.55 50.04 -8.63
CA ILE A 101 1.14 50.11 -9.00
C ILE A 101 0.82 49.02 -10.01
N ILE A 102 -0.12 48.15 -9.65
CA ILE A 102 -0.57 47.11 -10.56
C ILE A 102 -1.92 47.54 -11.14
N ARG A 103 -2.00 47.72 -12.46
CA ARG A 103 -3.30 47.98 -13.09
C ARG A 103 -3.60 46.96 -14.19
N ASP A 104 -4.35 45.92 -13.77
CA ASP A 104 -4.97 44.89 -14.90
C ASP A 104 -5.49 45.61 -16.23
N GLU A 105 -5.75 44.78 -17.29
CA GLU A 105 -6.55 45.28 -18.39
C GLU A 105 -8.05 45.30 -18.43
N LYS A 106 -8.68 44.18 -18.11
CA LYS A 106 -10.16 44.24 -17.87
C LYS A 106 -10.59 44.35 -16.39
N SER A 107 -11.44 45.36 -16.14
CA SER A 107 -11.85 45.82 -14.75
C SER A 107 -11.04 47.06 -14.28
N GLY A 108 -9.90 47.28 -14.96
CA GLY A 108 -9.20 48.61 -14.94
C GLY A 108 -8.51 49.16 -13.70
N ALA A 109 -9.02 48.81 -12.50
CA ALA A 109 -8.57 49.44 -11.24
C ALA A 109 -7.20 48.97 -10.75
N LYS A 110 -6.67 49.65 -9.73
CA LYS A 110 -5.28 49.42 -9.33
C LYS A 110 -5.01 49.43 -7.82
N SER A 111 -4.25 48.43 -7.38
CA SER A 111 -3.73 48.38 -6.01
C SER A 111 -2.25 48.75 -5.98
N THR A 112 -1.81 49.30 -4.83
CA THR A 112 -0.46 49.82 -4.71
C THR A 112 0.34 49.09 -3.63
N ILE A 113 1.46 48.52 -4.05
CA ILE A 113 2.40 47.88 -3.12
C ILE A 113 3.49 48.88 -2.75
N TYR A 114 3.55 49.21 -1.47
CA TYR A 114 4.67 49.97 -0.97
C TYR A 114 5.80 49.03 -0.55
N ILE A 115 6.99 49.28 -1.06
CA ILE A 115 8.16 48.45 -0.76
C ILE A 115 9.20 49.25 0.00
N LYS A 116 9.68 48.69 1.11
CA LYS A 116 10.79 49.30 1.84
C LYS A 116 12.11 48.69 1.40
N ALA A 117 12.99 49.54 0.88
CA ALA A 117 14.25 49.10 0.30
C ALA A 117 15.35 50.14 0.47
N GLU A 118 16.58 49.65 0.69
CA GLU A 118 17.75 50.51 0.67
C GLU A 118 18.24 50.68 -0.75
N LYS A 119 18.61 51.92 -1.08
CA LYS A 119 19.21 52.21 -2.37
C LYS A 119 20.69 51.86 -2.30
N GLY A 120 21.33 51.79 -3.46
CA GLY A 120 22.75 51.52 -3.50
C GLY A 120 23.35 52.03 -4.79
N GLN A 121 24.56 51.53 -5.06
CA GLN A 121 25.25 51.85 -6.28
C GLN A 121 25.12 50.69 -7.22
N VAL A 122 25.00 51.01 -8.50
CA VAL A 122 24.80 49.97 -9.49
C VAL A 122 26.10 49.16 -9.65
N GLU A 123 25.94 47.83 -9.65
CA GLU A 123 27.02 46.94 -10.09
C GLU A 123 26.90 46.82 -11.62
N GLN A 124 27.91 46.25 -12.28
CA GLN A 124 27.82 46.04 -13.74
C GLN A 124 27.81 44.55 -14.08
N LEU A 125 27.46 44.23 -15.33
CA LEU A 125 27.21 42.86 -15.72
C LEU A 125 28.46 42.15 -16.26
N THR A 126 28.96 41.23 -15.46
CA THR A 126 30.02 40.32 -15.85
C THR A 126 29.41 39.00 -16.34
N GLU A 127 29.21 38.90 -17.66
CA GLU A 127 28.69 37.68 -18.30
C GLU A 127 29.84 36.77 -18.73
N PRO A 128 29.84 35.50 -18.28
CA PRO A 128 30.96 34.58 -18.50
C PRO A 128 31.56 34.73 -19.90
N LYS A 129 32.83 35.13 -19.95
CA LYS A 129 33.51 35.41 -21.21
C LYS A 129 33.95 34.14 -21.91
N VAL A 130 33.00 33.24 -22.09
CA VAL A 130 33.25 32.00 -22.80
C VAL A 130 32.07 31.79 -23.73
N ASN A 131 32.36 31.42 -24.97
CA ASN A 131 31.31 30.93 -25.85
C ASN A 131 31.45 29.43 -26.13
N LEU A 132 30.35 28.72 -25.89
CA LEU A 132 30.40 27.27 -25.75
C LEU A 132 30.23 26.54 -27.07
N ALA A 133 30.94 25.42 -27.17
CA ALA A 133 30.92 24.57 -28.35
C ALA A 133 29.53 24.04 -28.73
N VAL A 134 28.81 23.47 -27.76
CA VAL A 134 27.54 22.77 -28.03
C VAL A 134 26.30 23.64 -27.77
N ASN A 135 25.36 23.62 -28.72
CA ASN A 135 24.23 24.52 -28.73
C ASN A 135 22.94 23.79 -29.10
N PHE A 136 21.86 24.00 -28.33
CA PHE A 136 20.55 23.40 -28.68
C PHE A 136 19.33 24.06 -28.06
N THR A 137 18.20 23.91 -28.75
CA THR A 137 16.96 24.58 -28.38
C THR A 137 15.77 23.63 -28.30
N THR A 138 15.09 23.68 -27.16
CA THR A 138 13.81 23.00 -26.98
C THR A 138 12.93 23.85 -26.05
N ASP A 139 11.93 23.26 -25.40
CA ASP A 139 11.12 24.04 -24.46
C ASP A 139 11.27 23.61 -23.00
N GLU A 140 10.49 24.23 -22.14
CA GLU A 140 10.54 23.95 -20.71
C GLU A 140 10.01 22.55 -20.39
N SER A 141 9.00 22.11 -21.13
CA SER A 141 8.41 20.78 -20.94
C SER A 141 9.45 19.69 -21.01
N VAL A 142 10.28 19.75 -22.05
CA VAL A 142 11.33 18.75 -22.27
C VAL A 142 12.33 18.73 -21.13
N LEU A 143 12.83 19.89 -20.73
CA LEU A 143 13.80 20.00 -19.65
C LEU A 143 13.27 19.49 -18.30
N ASN A 144 11.98 19.74 -18.05
CA ASN A 144 11.31 19.34 -16.84
C ASN A 144 11.26 17.81 -16.68
N VAL A 145 11.06 17.11 -17.79
CA VAL A 145 11.03 15.65 -17.82
C VAL A 145 12.42 15.11 -17.49
N ILE A 146 13.45 15.76 -18.03
CA ILE A 146 14.84 15.34 -17.84
C ILE A 146 15.30 15.60 -16.40
N ALA A 147 14.96 16.78 -15.88
CA ALA A 147 15.28 17.15 -14.50
C ALA A 147 14.77 16.11 -13.48
N ALA A 148 13.58 15.57 -13.74
CA ALA A 148 12.95 14.61 -12.85
C ALA A 148 13.40 13.18 -13.13
N ASP A 149 13.83 12.92 -14.35
CA ASP A 149 14.43 11.63 -14.68
C ASP A 149 15.76 11.41 -13.95
N VAL A 150 16.73 12.31 -14.17
CA VAL A 150 18.06 12.20 -13.56
C VAL A 150 18.03 12.24 -12.03
N THR A 151 17.21 13.12 -11.47
CA THR A 151 17.01 13.22 -10.01
C THR A 151 16.63 11.88 -9.38
N LEU A 152 15.71 11.16 -10.04
CA LEU A 152 15.27 9.85 -9.59
C LEU A 152 16.43 8.84 -9.51
N VAL A 153 17.48 9.07 -10.29
CA VAL A 153 18.54 8.07 -10.40
C VAL A 153 19.90 8.48 -9.79
N GLY A 154 20.19 9.77 -9.76
CA GLY A 154 21.49 10.25 -9.25
C GLY A 154 21.51 11.69 -8.81
N GLU A 155 22.64 12.12 -8.26
CA GLU A 155 22.80 13.51 -7.81
C GLU A 155 23.56 14.32 -8.85
N GLU A 156 24.08 13.65 -9.88
CA GLU A 156 24.92 14.27 -10.89
C GLU A 156 24.45 13.96 -12.32
N MET A 157 24.47 14.99 -13.15
CA MET A 157 24.08 14.88 -14.54
C MET A 157 25.30 15.01 -15.45
N ARG A 158 25.58 13.96 -16.20
CA ARG A 158 26.68 13.95 -17.16
C ARG A 158 26.11 14.12 -18.57
N ILE A 159 26.37 15.31 -19.16
CA ILE A 159 25.88 15.63 -20.51
C ILE A 159 26.99 15.50 -21.56
N SER A 160 26.69 14.77 -22.61
CA SER A 160 27.72 14.33 -23.54
C SER A 160 27.33 14.63 -24.98
N THR A 161 28.37 14.88 -25.78
CA THR A 161 28.22 15.03 -27.22
C THR A 161 28.25 13.67 -27.88
N GLU A 162 27.13 13.31 -28.52
CA GLU A 162 27.22 12.41 -29.65
C GLU A 162 26.68 12.72 -31.05
N GLU A 163 27.14 11.92 -32.03
CA GLU A 163 26.84 12.33 -33.37
C GLU A 163 25.48 12.47 -34.02
N ASP A 164 25.11 13.75 -34.14
CA ASP A 164 23.75 14.22 -34.50
C ASP A 164 22.78 14.25 -33.29
N LYS A 165 23.20 13.74 -32.14
CA LYS A 165 22.33 13.68 -30.95
C LYS A 165 23.00 14.10 -29.65
N ILE A 166 22.18 14.45 -28.66
CA ILE A 166 22.68 14.77 -27.33
C ILE A 166 22.33 13.64 -26.35
N LYS A 167 23.36 13.19 -25.64
CA LYS A 167 23.24 12.09 -24.69
C LYS A 167 23.32 12.60 -23.25
N ILE A 168 22.29 12.27 -22.48
CA ILE A 168 22.19 12.68 -21.08
C ILE A 168 22.14 11.43 -20.20
N GLU A 169 23.03 11.36 -19.22
CA GLU A 169 23.11 10.20 -18.33
C GLU A 169 23.30 10.52 -16.85
N ALA A 170 22.85 9.60 -15.98
CA ALA A 170 23.02 9.67 -14.52
C ALA A 170 22.95 8.28 -13.86
N GLY A 171 23.36 8.20 -12.59
CA GLY A 171 23.41 6.94 -11.85
C GLY A 171 24.85 6.56 -11.52
N GLU A 172 25.18 6.53 -10.22
CA GLU A 172 26.57 6.35 -9.78
C GLU A 172 26.97 4.90 -9.53
N GLU A 173 25.98 4.07 -9.15
CA GLU A 173 26.25 2.69 -8.74
C GLU A 173 25.96 1.68 -9.87
N GLY A 174 24.72 1.20 -9.95
CA GLY A 174 24.30 0.25 -11.00
C GLY A 174 23.04 0.70 -11.72
N LYS A 175 22.16 1.41 -10.97
CA LYS A 175 20.88 1.91 -11.48
C LYS A 175 21.14 3.16 -12.33
N ARG A 176 20.67 3.14 -13.57
CA ARG A 176 21.12 4.13 -14.56
C ARG A 176 20.01 4.74 -15.44
N TYR A 177 20.32 5.85 -16.11
CA TYR A 177 19.40 6.56 -17.00
C TYR A 177 20.11 7.14 -18.23
N VAL A 178 19.55 6.90 -19.41
CA VAL A 178 20.05 7.55 -20.64
C VAL A 178 18.94 8.10 -21.54
N ALA A 179 19.03 9.37 -21.88
CA ALA A 179 18.11 10.03 -22.80
C ALA A 179 18.84 10.54 -24.04
N PHE A 180 18.20 10.36 -25.18
CA PHE A 180 18.75 10.84 -26.43
C PHE A 180 17.91 11.94 -27.04
N LEU A 181 18.50 13.12 -27.11
CA LEU A 181 17.87 14.29 -27.70
C LEU A 181 18.45 14.47 -29.08
N MET A 182 17.58 14.61 -30.07
CA MET A 182 18.03 14.84 -31.43
C MET A 182 17.18 15.90 -32.12
N LYS A 183 17.67 16.37 -33.27
CA LYS A 183 16.93 17.29 -34.13
C LYS A 183 15.52 16.76 -34.42
N ASP A 184 14.52 17.63 -34.24
CA ASP A 184 13.12 17.24 -34.24
C ASP A 184 12.52 16.01 -33.51
N LYS A 185 13.34 15.48 -32.61
CA LYS A 185 12.91 14.52 -31.61
C LYS A 185 13.75 14.80 -30.36
N PRO A 186 13.36 15.84 -29.58
CA PRO A 186 12.30 16.80 -29.89
C PRO A 186 12.81 18.16 -30.35
N LEU A 187 14.14 18.30 -30.49
CA LEU A 187 14.80 19.60 -30.70
C LEU A 187 14.35 20.36 -31.95
N LYS A 188 14.15 21.66 -31.80
CA LYS A 188 13.89 22.52 -32.94
C LYS A 188 15.20 22.98 -33.55
N GLU A 189 16.25 23.01 -32.72
CA GLU A 189 17.57 23.49 -33.14
C GLU A 189 18.70 22.69 -32.50
N LEU A 190 19.73 22.39 -33.29
CA LEU A 190 20.95 21.79 -32.77
C LEU A 190 22.18 22.28 -33.55
N SER A 191 23.21 22.66 -32.80
CA SER A 191 24.49 23.05 -33.38
C SER A 191 25.64 22.42 -32.58
N ILE A 192 26.54 21.75 -33.29
CA ILE A 192 27.73 21.18 -32.67
C ILE A 192 28.99 21.72 -33.37
N ASP A 193 29.58 22.77 -32.77
CA ASP A 193 30.86 23.32 -33.21
C ASP A 193 31.98 22.28 -33.07
N THR A 194 32.10 21.63 -31.79
CA THR A 194 33.00 20.47 -31.57
C THR A 194 32.48 19.59 -30.39
N SER A 195 33.06 18.38 -30.22
CA SER A 195 32.59 17.41 -29.21
C SER A 195 32.94 17.79 -27.78
N ALA A 196 31.99 17.54 -26.87
CA ALA A 196 32.12 17.97 -25.48
C ALA A 196 31.37 17.06 -24.50
N SER A 197 31.92 16.91 -23.30
CA SER A 197 31.21 16.25 -22.20
C SER A 197 31.51 17.02 -20.92
N SER A 198 30.45 17.41 -20.21
CA SER A 198 30.59 18.11 -18.96
C SER A 198 29.67 17.48 -17.89
N SER A 199 29.86 17.90 -16.63
CA SER A 199 29.08 17.37 -15.50
C SER A 199 28.63 18.46 -14.53
N TYR A 200 27.41 18.29 -14.02
CA TYR A 200 26.77 19.31 -13.20
C TYR A 200 25.97 18.66 -12.07
N SER A 201 25.66 19.48 -11.05
CA SER A 201 24.79 19.07 -9.94
C SER A 201 23.38 18.94 -10.47
N ALA A 202 22.89 17.70 -10.54
CA ALA A 202 21.56 17.43 -11.10
C ALA A 202 20.50 18.28 -10.42
N GLU A 203 20.77 18.65 -9.17
CA GLU A 203 19.83 19.35 -8.34
C GLU A 203 20.00 20.86 -8.52
N MET A 204 21.10 21.27 -9.14
CA MET A 204 21.26 22.64 -9.62
C MET A 204 20.66 22.78 -11.02
N PHE A 205 20.61 21.68 -11.77
CA PHE A 205 19.89 21.63 -13.04
C PHE A 205 18.39 21.78 -12.78
N LYS A 206 17.89 21.00 -11.81
CA LYS A 206 16.52 21.07 -11.37
C LYS A 206 16.14 22.50 -11.00
N ASP A 207 16.95 23.11 -10.13
CA ASP A 207 16.68 24.47 -9.68
C ASP A 207 16.65 25.49 -10.83
N ALA A 208 17.45 25.25 -11.85
CA ALA A 208 17.54 26.14 -13.01
C ALA A 208 16.32 25.98 -13.91
N VAL A 209 16.02 24.73 -14.24
CA VAL A 209 14.85 24.38 -15.03
C VAL A 209 13.61 24.91 -14.33
N LYS A 210 13.62 24.81 -13.00
CA LYS A 210 12.53 25.30 -12.16
C LYS A 210 12.31 26.80 -12.40
N GLY A 211 13.40 27.52 -12.68
CA GLY A 211 13.35 28.93 -12.97
C GLY A 211 12.86 29.27 -14.37
N LEU A 212 12.28 28.28 -15.06
CA LEU A 212 11.69 28.54 -16.36
C LEU A 212 10.18 28.52 -16.26
N ARG A 213 9.67 28.35 -15.03
CA ARG A 213 8.28 28.04 -14.79
C ARG A 213 7.29 28.86 -15.62
N GLY A 214 7.34 30.19 -15.49
CA GLY A 214 6.28 31.05 -16.06
C GLY A 214 6.50 31.57 -17.46
N PHE A 215 7.53 31.06 -18.12
CA PHE A 215 7.88 31.50 -19.47
C PHE A 215 7.36 30.51 -20.51
N SER A 216 6.72 31.04 -21.53
CA SER A 216 6.18 30.23 -22.62
C SER A 216 7.26 29.93 -23.65
N ALA A 217 8.25 30.82 -23.76
CA ALA A 217 9.23 30.81 -24.83
C ALA A 217 10.11 29.57 -24.87
N PRO A 218 10.60 29.22 -26.08
CA PRO A 218 11.67 28.21 -26.25
C PRO A 218 12.95 28.56 -25.49
N THR A 219 13.78 27.56 -25.28
CA THR A 219 14.90 27.63 -24.33
C THR A 219 16.20 27.13 -24.94
N MET A 220 17.21 27.98 -25.00
CA MET A 220 18.50 27.58 -25.53
C MET A 220 19.38 27.04 -24.41
N VAL A 221 19.99 25.89 -24.65
CA VAL A 221 20.99 25.34 -23.76
C VAL A 221 22.32 25.26 -24.48
N SER A 222 23.40 25.55 -23.77
CA SER A 222 24.75 25.51 -24.36
C SER A 222 25.76 24.98 -23.36
N PHE A 223 26.79 24.29 -23.84
CA PHE A 223 27.81 23.75 -22.94
C PHE A 223 29.12 23.40 -23.65
N GLY A 224 30.17 23.18 -22.87
CA GLY A 224 31.48 22.82 -23.41
C GLY A 224 32.23 21.84 -22.52
N GLU A 225 33.27 21.24 -23.09
CA GLU A 225 34.07 20.26 -22.37
C GLU A 225 34.49 20.81 -21.02
N ASN A 226 34.06 20.12 -19.95
CA ASN A 226 34.43 20.52 -18.59
C ASN A 226 34.26 22.02 -18.37
N LEU A 227 33.26 22.58 -19.07
CA LEU A 227 32.92 24.01 -19.02
C LEU A 227 31.51 24.20 -18.47
N PRO A 228 31.15 25.44 -18.08
CA PRO A 228 29.81 25.75 -17.58
C PRO A 228 28.68 25.55 -18.60
N MET A 229 27.45 25.38 -18.11
CA MET A 229 26.25 25.29 -18.96
C MET A 229 25.35 26.50 -18.75
N LYS A 230 25.10 27.21 -19.84
CA LYS A 230 24.15 28.31 -19.86
C LYS A 230 22.77 27.79 -20.28
N ILE A 231 21.72 28.32 -19.65
CA ILE A 231 20.34 27.98 -20.02
C ILE A 231 19.59 29.29 -20.27
N ASP A 232 19.15 29.48 -21.51
CA ASP A 232 18.65 30.78 -21.95
C ASP A 232 17.21 30.74 -22.44
N VAL A 233 16.40 31.68 -21.95
CA VAL A 233 15.02 31.88 -22.40
C VAL A 233 14.72 33.37 -22.53
N GLU A 234 14.08 33.74 -23.64
CA GLU A 234 13.61 35.09 -23.84
C GLU A 234 12.12 35.16 -23.55
N ALA A 235 11.74 35.94 -22.54
CA ALA A 235 10.33 36.17 -22.23
C ALA A 235 9.58 36.66 -23.47
N VAL A 236 8.33 36.22 -23.59
CA VAL A 236 7.44 36.59 -24.70
C VAL A 236 7.36 38.11 -24.87
N SER A 237 7.27 38.82 -23.75
CA SER A 237 7.06 40.27 -23.76
C SER A 237 8.34 41.10 -23.63
N GLY A 238 9.51 40.43 -23.66
CA GLY A 238 10.75 41.17 -23.71
C GLY A 238 12.02 40.42 -23.32
N GLY A 239 12.45 40.64 -22.06
CA GLY A 239 13.80 40.29 -21.63
C GLY A 239 14.19 38.81 -21.59
N HIS A 240 15.42 38.57 -21.16
CA HIS A 240 15.95 37.23 -21.04
C HIS A 240 16.10 36.86 -19.58
N MET A 241 15.83 35.59 -19.28
CA MET A 241 16.17 35.03 -17.99
C MET A 241 17.23 33.98 -18.29
N ILE A 242 18.40 34.13 -17.66
CA ILE A 242 19.54 33.22 -17.88
C ILE A 242 19.97 32.53 -16.57
N PHE A 243 20.36 31.26 -16.70
CA PHE A 243 21.06 30.54 -15.63
C PHE A 243 22.39 30.00 -16.17
N TRP A 244 23.42 30.02 -15.32
CA TRP A 244 24.68 29.32 -15.64
C TRP A 244 24.94 28.27 -14.55
N ILE A 245 25.57 27.14 -14.93
CA ILE A 245 25.95 26.14 -13.93
C ILE A 245 27.42 25.79 -14.04
N ALA A 246 28.18 26.12 -13.00
CA ALA A 246 29.61 25.80 -12.93
C ALA A 246 29.77 24.28 -12.92
N PRO A 247 30.73 23.76 -13.71
CA PRO A 247 30.80 22.30 -13.83
C PRO A 247 31.57 21.69 -12.66
N ARG A 248 31.56 20.37 -12.56
CA ARG A 248 32.33 19.69 -11.53
C ARG A 248 33.76 19.53 -12.05
N LEU A 249 34.43 20.69 -12.13
CA LEU A 249 35.62 20.95 -12.97
C LEU A 249 35.72 20.24 -14.35
N MET B 1 18.54 -12.00 -23.43
CA MET B 1 18.06 -11.04 -24.47
C MET B 1 16.57 -11.28 -24.77
N MET B 2 15.73 -10.32 -24.37
CA MET B 2 14.33 -10.29 -24.81
C MET B 2 13.87 -8.85 -25.08
N LYS B 3 12.88 -8.70 -25.93
CA LYS B 3 12.28 -7.39 -26.22
C LYS B 3 10.76 -7.51 -26.33
N ALA B 4 10.05 -6.63 -25.63
CA ALA B 4 8.58 -6.57 -25.68
C ALA B 4 8.08 -5.13 -25.71
N LYS B 5 7.10 -4.85 -26.56
CA LYS B 5 6.55 -3.50 -26.72
C LYS B 5 5.03 -3.42 -26.45
N VAL B 6 4.66 -2.76 -25.36
CA VAL B 6 3.25 -2.57 -24.97
C VAL B 6 2.78 -1.26 -25.54
N ILE B 7 1.63 -1.23 -26.18
CA ILE B 7 1.13 0.08 -26.65
C ILE B 7 0.54 0.88 -25.48
N ASP B 8 -0.31 0.24 -24.69
CA ASP B 8 -0.97 0.92 -23.58
C ASP B 8 -0.17 0.88 -22.28
N ALA B 9 0.85 1.74 -22.20
CA ALA B 9 1.73 1.80 -21.03
C ALA B 9 0.99 2.12 -19.73
N VAL B 10 0.04 3.05 -19.78
CA VAL B 10 -0.75 3.42 -18.60
C VAL B 10 -1.41 2.19 -17.95
N SER B 11 -2.18 1.44 -18.76
CA SER B 11 -2.89 0.25 -18.28
C SER B 11 -1.98 -0.95 -18.03
N PHE B 12 -0.67 -0.75 -18.20
CA PHE B 12 0.31 -1.77 -17.89
C PHE B 12 0.96 -1.40 -16.56
N SER B 13 1.23 -0.11 -16.41
CA SER B 13 1.83 0.42 -15.20
C SER B 13 0.97 0.22 -13.95
N TYR B 14 -0.34 0.15 -14.16
CA TYR B 14 -1.28 -0.08 -13.07
C TYR B 14 -1.36 -1.56 -12.69
N ILE B 15 -1.07 -2.43 -13.64
CA ILE B 15 -0.96 -3.86 -13.33
C ILE B 15 0.22 -4.03 -12.38
N LEU B 16 1.38 -3.47 -12.74
CA LEU B 16 2.57 -3.55 -11.92
C LEU B 16 2.43 -2.83 -10.58
N ARG B 17 1.60 -1.79 -10.54
CA ARG B 17 1.34 -1.06 -9.31
C ARG B 17 0.51 -1.93 -8.38
N THR B 18 -0.35 -2.76 -8.96
CA THR B 18 -1.20 -3.67 -8.19
C THR B 18 -0.39 -4.83 -7.61
N VAL B 19 0.55 -5.33 -8.40
CA VAL B 19 1.42 -6.42 -7.94
C VAL B 19 2.28 -5.91 -6.78
N GLY B 20 2.73 -4.65 -6.89
CA GLY B 20 3.61 -4.04 -5.89
C GLY B 20 2.97 -3.84 -4.54
N ASP B 21 1.63 -3.91 -4.50
CA ASP B 21 0.90 -3.88 -3.25
C ASP B 21 1.02 -5.19 -2.48
N PHE B 22 1.37 -6.27 -3.19
CA PHE B 22 1.47 -7.59 -2.59
C PHE B 22 2.91 -8.12 -2.50
N LEU B 23 3.74 -7.80 -3.51
CA LEU B 23 5.12 -8.32 -3.57
C LEU B 23 6.16 -7.21 -3.55
N SER B 24 7.29 -7.42 -2.86
CA SER B 24 8.42 -6.49 -2.91
C SER B 24 9.22 -6.72 -4.18
N GLU B 25 9.29 -7.99 -4.56
CA GLU B 25 10.14 -8.43 -5.64
C GLU B 25 9.52 -9.64 -6.31
N ALA B 26 9.81 -9.82 -7.59
CA ALA B 26 9.17 -10.84 -8.40
C ALA B 26 10.06 -11.20 -9.57
N ASN B 27 9.66 -12.25 -10.28
CA ASN B 27 10.28 -12.64 -11.54
C ASN B 27 9.35 -12.40 -12.72
N PHE B 28 9.91 -11.86 -13.80
CA PHE B 28 9.30 -11.95 -15.12
C PHE B 28 9.72 -13.29 -15.68
N ILE B 29 8.75 -14.17 -15.93
CA ILE B 29 9.02 -15.46 -16.60
C ILE B 29 8.72 -15.31 -18.10
N VAL B 30 9.78 -15.19 -18.89
CA VAL B 30 9.64 -14.93 -20.32
C VAL B 30 9.75 -16.19 -21.17
N THR B 31 8.70 -16.47 -21.92
CA THR B 31 8.66 -17.62 -22.81
C THR B 31 8.11 -17.20 -24.16
N LYS B 32 8.26 -18.05 -25.17
CA LYS B 32 7.65 -17.82 -26.49
C LYS B 32 6.22 -17.31 -26.33
N GLU B 33 5.48 -17.97 -25.44
CA GLU B 33 4.06 -17.75 -25.28
C GLU B 33 3.71 -16.40 -24.63
N GLY B 34 4.66 -15.86 -23.85
CA GLY B 34 4.52 -14.54 -23.26
C GLY B 34 5.31 -14.35 -21.99
N ILE B 35 4.83 -13.44 -21.13
CA ILE B 35 5.43 -13.22 -19.80
C ILE B 35 4.47 -13.59 -18.68
N ARG B 36 4.98 -14.28 -17.66
CA ARG B 36 4.19 -14.63 -16.50
C ARG B 36 4.80 -13.98 -15.26
N VAL B 37 3.94 -13.56 -14.33
CA VAL B 37 4.39 -13.09 -13.02
C VAL B 37 3.55 -13.73 -11.92
N SER B 38 4.20 -14.50 -11.05
CA SER B 38 3.54 -15.23 -9.99
C SER B 38 4.23 -14.96 -8.68
N GLY B 39 3.46 -15.01 -7.59
CA GLY B 39 4.04 -14.87 -6.26
C GLY B 39 3.02 -14.89 -5.14
N ILE B 40 3.51 -15.20 -3.94
CA ILE B 40 2.73 -15.15 -2.72
C ILE B 40 3.20 -13.95 -1.89
N ASP B 41 2.27 -13.22 -1.29
CA ASP B 41 2.63 -12.07 -0.47
C ASP B 41 3.30 -12.54 0.84
N PRO B 42 4.03 -11.63 1.53
CA PRO B 42 4.69 -12.00 2.80
C PRO B 42 3.75 -12.59 3.85
N SER B 43 2.50 -12.11 3.91
CA SER B 43 1.54 -12.59 4.91
C SER B 43 0.89 -13.93 4.56
N ARG B 44 1.25 -14.50 3.41
CA ARG B 44 0.78 -15.83 2.98
C ARG B 44 -0.74 -15.95 2.85
N VAL B 45 -1.38 -14.82 2.53
CA VAL B 45 -2.81 -14.75 2.44
C VAL B 45 -3.23 -14.67 0.97
N VAL B 46 -2.35 -14.11 0.14
CA VAL B 46 -2.66 -13.81 -1.27
C VAL B 46 -1.63 -14.40 -2.20
N PHE B 47 -2.13 -15.09 -3.22
CA PHE B 47 -1.30 -15.54 -4.34
C PHE B 47 -1.85 -14.86 -5.59
N LEU B 48 -0.95 -14.25 -6.35
CA LEU B 48 -1.31 -13.62 -7.60
C LEU B 48 -0.58 -14.31 -8.75
N ASP B 49 -1.13 -14.16 -9.95
CA ASP B 49 -0.61 -14.84 -11.13
C ASP B 49 -1.03 -14.07 -12.40
N ILE B 50 -0.08 -13.35 -12.98
CA ILE B 50 -0.38 -12.49 -14.11
C ILE B 50 0.28 -13.06 -15.34
N PHE B 51 -0.53 -13.24 -16.38
CA PHE B 51 -0.02 -13.70 -17.67
C PHE B 51 -0.30 -12.70 -18.78
N LEU B 52 0.77 -12.18 -19.37
CA LEU B 52 0.65 -11.33 -20.53
C LEU B 52 1.16 -12.08 -21.76
N PRO B 53 0.22 -12.63 -22.55
CA PRO B 53 0.52 -13.38 -23.77
C PRO B 53 1.30 -12.50 -24.74
N SER B 54 2.00 -13.12 -25.69
CA SER B 54 2.77 -12.37 -26.69
C SER B 54 1.88 -11.36 -27.42
N SER B 55 0.63 -11.76 -27.66
CA SER B 55 -0.34 -10.94 -28.37
C SER B 55 -0.57 -9.58 -27.72
N TYR B 56 -0.34 -9.53 -26.41
CA TYR B 56 -0.49 -8.33 -25.59
C TYR B 56 0.50 -7.25 -25.99
N PHE B 57 1.62 -7.70 -26.57
CA PHE B 57 2.69 -6.79 -27.00
C PHE B 57 2.68 -6.62 -28.52
N GLU B 58 3.35 -5.56 -28.96
CA GLU B 58 3.51 -5.24 -30.38
C GLU B 58 4.75 -5.94 -30.91
N GLY B 59 5.91 -5.55 -30.38
CA GLY B 59 7.15 -6.28 -30.65
C GLY B 59 7.30 -7.30 -29.55
N PHE B 60 7.68 -8.53 -29.90
CA PHE B 60 7.91 -9.58 -28.91
C PHE B 60 8.89 -10.65 -29.41
N GLU B 61 10.07 -10.67 -28.81
CA GLU B 61 11.15 -11.57 -29.23
C GLU B 61 11.91 -12.11 -28.02
N VAL B 62 12.44 -13.34 -28.15
CA VAL B 62 13.26 -13.94 -27.09
C VAL B 62 14.55 -14.53 -27.66
N SER B 63 15.53 -14.77 -26.79
CA SER B 63 16.78 -15.41 -27.20
C SER B 63 16.91 -16.81 -26.59
N GLN B 64 15.92 -17.18 -25.78
CA GLN B 64 15.88 -18.47 -25.10
C GLN B 64 14.42 -18.90 -24.87
N GLU B 65 14.26 -20.16 -24.49
CA GLU B 65 12.95 -20.73 -24.20
C GLU B 65 12.40 -20.25 -22.87
N LYS B 66 13.29 -19.97 -21.93
CA LYS B 66 12.91 -19.55 -20.58
C LYS B 66 13.90 -18.54 -19.99
N GLU B 67 13.38 -17.35 -19.70
CA GLU B 67 14.20 -16.29 -19.14
C GLU B 67 13.59 -15.78 -17.84
N ILE B 68 14.38 -15.85 -16.77
CA ILE B 68 13.94 -15.42 -15.45
C ILE B 68 14.52 -14.04 -15.14
N ILE B 69 13.63 -13.09 -14.83
CA ILE B 69 14.05 -11.70 -14.57
C ILE B 69 13.60 -11.21 -13.19
N GLY B 70 14.57 -11.07 -12.29
CA GLY B 70 14.32 -10.64 -10.92
C GLY B 70 14.37 -9.14 -10.78
N PHE B 71 13.29 -8.57 -10.25
CA PHE B 71 13.16 -7.13 -10.09
C PHE B 71 12.51 -6.75 -8.77
N LYS B 72 12.88 -5.58 -8.24
CA LYS B 72 12.20 -4.99 -7.11
C LYS B 72 10.99 -4.26 -7.67
N LEU B 73 9.87 -4.28 -6.93
CA LEU B 73 8.66 -3.64 -7.42
C LEU B 73 8.67 -2.12 -7.30
N GLU B 74 9.22 -1.63 -6.19
CA GLU B 74 9.40 -0.20 -5.98
C GLU B 74 10.27 0.42 -7.07
N ASP B 75 11.38 -0.24 -7.39
CA ASP B 75 12.34 0.28 -8.37
C ASP B 75 11.74 0.35 -9.77
N VAL B 76 10.99 -0.68 -10.16
CA VAL B 76 10.29 -0.68 -11.44
C VAL B 76 9.16 0.34 -11.44
N ASN B 77 8.40 0.39 -10.35
CA ASN B 77 7.26 1.30 -10.28
C ASN B 77 7.66 2.76 -10.19
N ASP B 78 8.78 3.04 -9.51
CA ASP B 78 9.29 4.41 -9.48
C ASP B 78 9.58 4.85 -10.91
N ILE B 79 10.20 3.96 -11.70
CA ILE B 79 10.47 4.22 -13.12
C ILE B 79 9.18 4.44 -13.92
N LEU B 80 8.21 3.53 -13.78
CA LEU B 80 6.95 3.66 -14.51
C LEU B 80 6.16 4.93 -14.16
N LYS B 81 6.46 5.54 -13.00
CA LYS B 81 5.90 6.84 -12.62
C LYS B 81 6.34 7.99 -13.55
N ARG B 82 7.36 7.76 -14.37
CA ARG B 82 7.90 8.76 -15.29
C ARG B 82 7.30 8.63 -16.70
N VAL B 83 6.33 7.74 -16.86
CA VAL B 83 5.64 7.54 -18.15
C VAL B 83 4.98 8.84 -18.61
N LEU B 84 4.94 9.05 -19.93
CA LEU B 84 4.50 10.34 -20.46
C LEU B 84 3.31 10.27 -21.42
N LYS B 85 2.47 9.25 -21.25
CA LYS B 85 1.09 9.23 -21.81
C LYS B 85 0.97 9.24 -23.35
N ASP B 86 2.07 9.56 -24.01
CA ASP B 86 2.18 9.44 -25.45
C ASP B 86 3.48 8.70 -25.67
N ASP B 87 3.98 8.12 -24.58
CA ASP B 87 5.16 7.30 -24.61
C ASP B 87 4.74 5.87 -24.84
N THR B 88 5.31 5.27 -25.89
CA THR B 88 5.22 3.83 -26.07
C THR B 88 6.37 3.19 -25.29
N LEU B 89 6.05 2.18 -24.48
CA LEU B 89 7.05 1.56 -23.62
C LEU B 89 7.63 0.28 -24.20
N ILE B 90 8.91 0.07 -23.97
CA ILE B 90 9.59 -1.15 -24.37
C ILE B 90 10.30 -1.78 -23.17
N LEU B 91 10.01 -3.06 -22.94
CA LEU B 91 10.78 -3.88 -22.02
C LEU B 91 11.87 -4.63 -22.76
N SER B 92 13.06 -4.63 -22.16
CA SER B 92 14.25 -5.12 -22.82
C SER B 92 15.19 -5.69 -21.76
N SER B 93 16.04 -6.65 -22.17
CA SER B 93 16.94 -7.33 -21.26
C SER B 93 18.19 -7.92 -21.93
N ASN B 94 19.15 -8.28 -21.08
CA ASN B 94 20.33 -9.06 -21.47
C ASN B 94 20.88 -9.80 -20.24
N GLU B 95 22.18 -10.10 -20.24
CA GLU B 95 22.82 -10.85 -19.15
C GLU B 95 22.84 -10.16 -17.77
N SER B 96 22.77 -8.83 -17.74
CA SER B 96 22.95 -8.09 -16.48
C SER B 96 21.84 -7.10 -16.11
N LYS B 97 21.12 -6.59 -17.11
CA LYS B 97 20.18 -5.48 -16.91
C LYS B 97 18.79 -5.77 -17.45
N LEU B 98 17.80 -5.22 -16.75
CA LEU B 98 16.47 -5.03 -17.31
C LEU B 98 16.34 -3.55 -17.68
N THR B 99 15.88 -3.27 -18.90
CA THR B 99 15.74 -1.90 -19.39
C THR B 99 14.28 -1.58 -19.67
N LEU B 100 13.87 -0.40 -19.22
CA LEU B 100 12.54 0.12 -19.52
C LEU B 100 12.73 1.37 -20.37
N THR B 101 12.16 1.37 -21.58
CA THR B 101 12.43 2.45 -22.52
C THR B 101 11.18 3.24 -22.91
N PHE B 102 11.17 4.51 -22.52
CA PHE B 102 10.09 5.42 -22.92
C PHE B 102 10.50 6.10 -24.23
N ASP B 103 9.63 5.96 -25.23
CA ASP B 103 9.87 6.53 -26.53
C ASP B 103 8.56 7.16 -27.00
N GLY B 104 8.67 8.36 -27.56
CA GLY B 104 7.50 9.07 -28.08
C GLY B 104 7.89 10.44 -28.58
N GLU B 105 7.75 11.44 -27.70
CA GLU B 105 8.13 12.81 -28.01
C GLU B 105 9.66 12.91 -28.01
N PHE B 106 10.30 11.99 -27.28
CA PHE B 106 11.73 11.66 -27.40
C PHE B 106 12.04 10.34 -26.64
N THR B 107 13.26 9.82 -26.81
CA THR B 107 13.61 8.50 -26.28
C THR B 107 14.40 8.54 -24.98
N ARG B 108 13.96 7.75 -23.99
CA ARG B 108 14.58 7.71 -22.67
C ARG B 108 14.58 6.27 -22.15
N SER B 109 15.66 5.88 -21.47
CA SER B 109 15.78 4.52 -20.92
C SER B 109 16.18 4.54 -19.45
N PHE B 110 15.69 3.56 -18.69
CA PHE B 110 16.07 3.37 -17.29
C PHE B 110 16.57 1.95 -17.06
N GLU B 111 17.74 1.83 -16.45
CA GLU B 111 18.36 0.53 -16.27
C GLU B 111 18.29 0.02 -14.84
N LEU B 112 17.90 -1.24 -14.69
CA LEU B 112 17.95 -1.89 -13.40
C LEU B 112 18.79 -3.17 -13.49
N PRO B 113 19.89 -3.24 -12.71
CA PRO B 113 20.64 -4.47 -12.61
C PRO B 113 19.70 -5.56 -12.11
N LEU B 114 19.85 -6.76 -12.69
CA LEU B 114 19.03 -7.90 -12.30
C LEU B 114 19.29 -8.27 -10.86
N ILE B 115 18.26 -8.79 -10.20
CA ILE B 115 18.39 -9.28 -8.83
C ILE B 115 17.95 -10.75 -8.70
N GLN B 116 18.37 -11.41 -7.63
CA GLN B 116 18.07 -12.81 -7.43
C GLN B 116 16.77 -13.03 -6.66
N VAL B 117 15.67 -13.14 -7.39
CA VAL B 117 14.36 -13.36 -6.78
C VAL B 117 14.02 -14.84 -6.72
N GLU B 118 13.76 -15.34 -5.51
CA GLU B 118 13.37 -16.74 -5.30
C GLU B 118 12.13 -17.14 -6.09
N SER B 119 12.24 -18.26 -6.80
CA SER B 119 11.17 -18.79 -7.66
C SER B 119 9.86 -19.07 -6.92
N THR B 120 8.76 -19.11 -7.67
CA THR B 120 7.44 -19.30 -7.08
C THR B 120 6.69 -20.52 -7.62
N GLN B 121 6.14 -21.31 -6.70
CA GLN B 121 5.24 -22.42 -7.01
C GLN B 121 3.85 -22.20 -6.41
N PRO B 122 2.77 -22.42 -7.21
CA PRO B 122 1.40 -22.21 -6.72
C PRO B 122 1.15 -22.96 -5.41
N PRO B 123 1.34 -24.31 -5.39
CA PRO B 123 1.01 -25.36 -6.34
C PRO B 123 -0.16 -26.17 -5.74
N SER B 124 -1.35 -26.11 -6.36
CA SER B 124 -1.40 -26.06 -7.85
C SER B 124 -2.82 -25.79 -8.31
N VAL B 125 -2.96 -24.78 -9.18
CA VAL B 125 -4.27 -24.19 -9.48
C VAL B 125 -5.44 -24.96 -8.84
N ASN B 126 -5.98 -25.91 -9.62
CA ASN B 126 -7.43 -26.12 -9.67
C ASN B 126 -8.17 -27.03 -8.70
N LEU B 127 -8.68 -26.39 -7.64
CA LEU B 127 -9.91 -26.83 -7.01
C LEU B 127 -10.99 -26.06 -7.78
N GLU B 128 -12.22 -26.58 -7.81
CA GLU B 128 -13.30 -25.70 -8.10
C GLU B 128 -14.18 -25.03 -7.04
N PHE B 129 -14.86 -23.97 -7.47
CA PHE B 129 -15.57 -23.09 -6.58
C PHE B 129 -17.06 -23.37 -6.77
N PRO B 130 -17.81 -23.45 -5.65
CA PRO B 130 -19.25 -23.62 -5.73
C PRO B 130 -19.99 -22.44 -6.33
N PHE B 131 -19.33 -21.28 -6.45
CA PHE B 131 -19.94 -20.08 -7.05
C PHE B 131 -19.06 -19.35 -8.04
N LYS B 132 -19.67 -18.93 -9.15
CA LYS B 132 -19.00 -18.19 -10.21
C LYS B 132 -19.89 -17.04 -10.68
N ALA B 133 -19.29 -15.87 -10.86
CA ALA B 133 -20.00 -14.72 -11.39
C ALA B 133 -19.14 -13.95 -12.37
N GLN B 134 -19.78 -13.32 -13.34
CA GLN B 134 -19.10 -12.44 -14.27
C GLN B 134 -19.66 -11.04 -14.15
N LEU B 135 -18.76 -10.05 -14.22
CA LEU B 135 -19.13 -8.66 -14.03
C LEU B 135 -18.09 -7.72 -14.60
N LEU B 136 -18.52 -6.47 -14.79
CA LEU B 136 -17.68 -5.38 -15.23
C LEU B 136 -16.66 -5.06 -14.15
N THR B 137 -15.40 -4.91 -14.54
CA THR B 137 -14.36 -4.56 -13.59
C THR B 137 -14.70 -3.25 -12.88
N ILE B 138 -15.25 -2.29 -13.62
CA ILE B 138 -15.63 -0.99 -13.07
C ILE B 138 -16.70 -1.09 -11.98
N THR B 139 -17.69 -1.96 -12.18
CA THR B 139 -18.76 -2.20 -11.20
C THR B 139 -18.17 -2.64 -9.86
N PHE B 140 -17.39 -3.72 -9.91
CA PHE B 140 -16.60 -4.20 -8.81
C PHE B 140 -15.73 -3.11 -8.19
N ALA B 141 -15.10 -2.28 -9.01
CA ALA B 141 -14.22 -1.25 -8.49
C ALA B 141 -15.03 -0.18 -7.78
N ASP B 142 -16.15 0.22 -8.39
CA ASP B 142 -17.03 1.22 -7.80
C ASP B 142 -17.49 0.77 -6.40
N ILE B 143 -17.79 -0.52 -6.27
CA ILE B 143 -18.32 -1.07 -5.03
C ILE B 143 -17.22 -1.27 -4.00
N ILE B 144 -16.08 -1.80 -4.42
CA ILE B 144 -15.02 -2.10 -3.46
C ILE B 144 -14.41 -0.81 -2.94
N ASP B 145 -14.28 0.20 -3.81
CA ASP B 145 -13.74 1.50 -3.41
C ASP B 145 -14.53 2.21 -2.30
N GLU B 146 -15.86 2.13 -2.34
CA GLU B 146 -16.70 2.68 -1.27
C GLU B 146 -16.55 1.88 0.02
N LEU B 147 -16.75 0.56 -0.09
CA LEU B 147 -16.70 -0.36 1.05
C LEU B 147 -15.33 -0.41 1.71
N SER B 148 -14.29 -0.27 0.89
CA SER B 148 -12.92 -0.44 1.35
C SER B 148 -12.57 0.48 2.50
N ASP B 149 -13.20 1.65 2.57
CA ASP B 149 -12.87 2.64 3.61
C ASP B 149 -13.76 2.54 4.85
N LEU B 150 -14.62 1.53 4.92
CA LEU B 150 -15.52 1.39 6.06
C LEU B 150 -15.03 0.38 7.11
N GLY B 151 -14.33 -0.66 6.69
CA GLY B 151 -13.91 -1.69 7.63
C GLY B 151 -12.82 -2.62 7.16
N GLU B 152 -12.46 -3.56 8.03
CA GLU B 152 -11.35 -4.49 7.83
C GLU B 152 -11.72 -5.80 7.14
N VAL B 153 -12.99 -6.19 7.26
CA VAL B 153 -13.42 -7.50 6.76
C VAL B 153 -14.54 -7.36 5.74
N LEU B 154 -14.31 -7.95 4.57
CA LEU B 154 -15.34 -8.07 3.54
C LEU B 154 -16.08 -9.41 3.64
N ASN B 155 -17.39 -9.34 3.84
CA ASN B 155 -18.26 -10.51 3.80
C ASN B 155 -18.88 -10.64 2.45
N ILE B 156 -18.69 -11.80 1.83
CA ILE B 156 -19.28 -12.06 0.54
C ILE B 156 -20.17 -13.26 0.69
N HIS B 157 -21.40 -13.14 0.19
CA HIS B 157 -22.30 -14.27 0.15
C HIS B 157 -23.19 -14.27 -1.09
N SER B 158 -23.61 -15.46 -1.49
CA SER B 158 -24.52 -15.63 -2.60
C SER B 158 -25.82 -16.24 -2.11
N LYS B 159 -26.92 -15.79 -2.69
CA LYS B 159 -28.21 -16.36 -2.40
C LYS B 159 -28.98 -16.36 -3.70
N GLU B 160 -29.48 -17.54 -4.10
CA GLU B 160 -30.34 -17.68 -5.26
C GLU B 160 -29.74 -16.98 -6.48
N ASN B 161 -28.42 -17.12 -6.62
CA ASN B 161 -27.62 -16.55 -7.73
C ASN B 161 -27.38 -15.04 -7.71
N LYS B 162 -27.70 -14.40 -6.61
CA LYS B 162 -27.41 -12.99 -6.43
C LYS B 162 -26.17 -12.88 -5.55
N LEU B 163 -25.38 -11.84 -5.77
CA LEU B 163 -24.13 -11.68 -5.08
C LEU B 163 -24.17 -10.48 -4.13
N TYR B 164 -23.62 -10.69 -2.95
CA TYR B 164 -23.74 -9.73 -1.88
C TYR B 164 -22.37 -9.39 -1.31
N PHE B 165 -22.07 -8.09 -1.23
CA PHE B 165 -20.86 -7.59 -0.60
C PHE B 165 -21.23 -6.82 0.65
N GLU B 166 -20.55 -7.11 1.75
CA GLU B 166 -20.89 -6.47 3.00
C GLU B 166 -19.66 -6.07 3.80
N VAL B 167 -19.73 -4.89 4.43
CA VAL B 167 -18.76 -4.51 5.47
C VAL B 167 -19.51 -4.05 6.70
N ILE B 168 -19.14 -4.57 7.87
CA ILE B 168 -19.60 -4.00 9.14
C ILE B 168 -18.44 -3.24 9.77
N GLY B 169 -18.51 -1.92 9.72
CA GLY B 169 -17.43 -1.10 10.25
C GLY B 169 -17.72 -0.54 11.63
N ASP B 170 -16.77 0.25 12.15
CA ASP B 170 -16.92 0.82 13.47
C ASP B 170 -17.89 2.00 13.48
N LEU B 171 -18.02 2.66 12.33
CA LEU B 171 -19.00 3.74 12.19
C LEU B 171 -20.14 3.48 11.18
N SER B 172 -19.98 2.51 10.28
CA SER B 172 -21.02 2.23 9.31
C SER B 172 -20.99 0.83 8.72
N THR B 173 -22.15 0.34 8.30
CA THR B 173 -22.19 -0.91 7.56
C THR B 173 -22.88 -0.69 6.21
N ALA B 174 -22.39 -1.38 5.20
CA ALA B 174 -22.95 -1.29 3.89
C ALA B 174 -23.04 -2.67 3.30
N LYS B 175 -24.22 -3.01 2.78
CA LYS B 175 -24.47 -4.26 2.08
C LYS B 175 -25.08 -3.97 0.71
N VAL B 176 -24.46 -4.51 -0.34
CA VAL B 176 -24.90 -4.26 -1.72
C VAL B 176 -25.19 -5.58 -2.44
N GLU B 177 -26.30 -5.61 -3.20
CA GLU B 177 -26.69 -6.79 -3.98
C GLU B 177 -26.40 -6.60 -5.46
N LEU B 178 -25.73 -7.57 -6.05
CA LEU B 178 -25.57 -7.58 -7.49
C LEU B 178 -26.29 -8.79 -8.08
N SER B 179 -26.85 -8.60 -9.28
CA SER B 179 -27.60 -9.66 -9.95
C SER B 179 -27.58 -9.50 -11.46
N THR B 180 -28.02 -10.54 -12.15
CA THR B 180 -28.14 -10.49 -13.59
C THR B 180 -29.45 -9.78 -13.91
N ASP B 181 -30.41 -9.89 -13.00
CA ASP B 181 -31.72 -9.26 -13.15
C ASP B 181 -31.67 -7.83 -13.67
N ASN B 182 -30.77 -7.00 -13.13
CA ASN B 182 -30.59 -5.67 -13.70
C ASN B 182 -29.22 -5.43 -14.36
N GLY B 183 -28.59 -6.53 -14.79
CA GLY B 183 -27.32 -6.47 -15.51
C GLY B 183 -26.10 -6.01 -14.73
N THR B 184 -26.22 -6.00 -13.41
CA THR B 184 -25.09 -5.63 -12.55
C THR B 184 -24.09 -6.75 -12.53
N LEU B 185 -24.59 -7.98 -12.69
CA LEU B 185 -23.76 -9.12 -13.06
C LEU B 185 -24.09 -9.54 -14.49
N LEU B 186 -23.04 -9.80 -15.28
CA LEU B 186 -23.19 -10.29 -16.65
C LEU B 186 -23.67 -11.73 -16.68
N GLU B 187 -23.13 -12.55 -15.78
CA GLU B 187 -23.56 -13.95 -15.59
C GLU B 187 -23.25 -14.36 -14.14
N ALA B 188 -24.06 -15.27 -13.59
CA ALA B 188 -23.93 -15.64 -12.18
C ALA B 188 -24.54 -17.00 -11.82
N SER B 189 -23.70 -17.99 -11.56
CA SER B 189 -24.17 -19.33 -11.22
C SER B 189 -23.42 -19.97 -10.06
N GLY B 190 -24.12 -20.79 -9.28
CA GLY B 190 -23.52 -21.56 -8.18
C GLY B 190 -24.45 -21.74 -6.99
N ALA B 191 -23.90 -22.27 -5.90
CA ALA B 191 -24.69 -22.59 -4.70
C ALA B 191 -24.69 -21.41 -3.73
N ASP B 192 -25.56 -21.46 -2.73
CA ASP B 192 -25.63 -20.43 -1.72
C ASP B 192 -24.49 -20.58 -0.71
N VAL B 193 -23.44 -19.78 -0.88
CA VAL B 193 -22.28 -19.86 -0.03
C VAL B 193 -22.01 -18.53 0.65
N SER B 194 -21.01 -18.53 1.52
CA SER B 194 -20.73 -17.42 2.40
C SER B 194 -19.29 -17.51 2.88
N SER B 195 -18.57 -16.40 2.78
CA SER B 195 -17.18 -16.35 3.19
C SER B 195 -16.79 -14.92 3.51
N SER B 196 -15.63 -14.75 4.11
CA SER B 196 -15.20 -13.41 4.43
C SER B 196 -13.70 -13.25 4.19
N TYR B 197 -13.32 -12.08 3.69
CA TYR B 197 -11.94 -11.84 3.29
C TYR B 197 -11.48 -10.51 3.81
N GLY B 198 -10.16 -10.39 3.99
CA GLY B 198 -9.56 -9.12 4.40
C GLY B 198 -9.78 -8.04 3.37
N MET B 199 -10.47 -6.98 3.77
CA MET B 199 -10.82 -5.87 2.89
C MET B 199 -9.60 -5.26 2.21
N GLU B 200 -8.53 -5.16 2.97
CA GLU B 200 -7.32 -4.50 2.55
C GLU B 200 -6.74 -5.15 1.29
N TYR B 201 -6.61 -6.48 1.33
CA TYR B 201 -6.06 -7.21 0.20
C TYR B 201 -6.95 -7.06 -1.03
N VAL B 202 -8.25 -7.22 -0.84
CA VAL B 202 -9.24 -7.13 -1.92
C VAL B 202 -9.30 -5.74 -2.53
N ALA B 203 -9.13 -4.71 -1.70
CA ALA B 203 -9.26 -3.34 -2.16
C ALA B 203 -8.06 -2.89 -2.99
N ASN B 204 -6.91 -3.53 -2.76
CA ASN B 204 -5.71 -3.26 -3.53
C ASN B 204 -5.85 -3.57 -5.01
N THR B 205 -6.79 -4.45 -5.35
CA THR B 205 -6.90 -5.00 -6.70
C THR B 205 -7.81 -4.18 -7.64
N THR B 206 -8.43 -3.14 -7.12
CA THR B 206 -9.40 -2.35 -7.91
C THR B 206 -8.72 -1.49 -9.00
N LYS B 207 -7.42 -1.25 -8.83
CA LYS B 207 -6.61 -0.52 -9.83
C LYS B 207 -6.62 -1.20 -11.18
N MET B 208 -6.90 -2.50 -11.18
CA MET B 208 -7.01 -3.32 -12.37
C MET B 208 -8.13 -2.88 -13.31
N ARG B 209 -9.10 -2.15 -12.79
CA ARG B 209 -10.11 -1.46 -13.60
C ARG B 209 -9.46 -0.74 -14.82
N ARG B 210 -8.25 -0.25 -14.61
CA ARG B 210 -7.51 0.51 -15.61
C ARG B 210 -6.89 -0.37 -16.68
N ALA B 211 -6.82 -1.68 -16.44
CA ALA B 211 -6.23 -2.64 -17.38
C ALA B 211 -7.25 -3.68 -17.85
N SER B 212 -8.32 -3.85 -17.11
CA SER B 212 -9.29 -4.87 -17.38
C SER B 212 -10.66 -4.24 -17.47
N ASP B 213 -11.45 -4.69 -18.43
CA ASP B 213 -12.82 -4.22 -18.57
C ASP B 213 -13.83 -5.22 -17.99
N SER B 214 -13.51 -6.50 -18.14
CA SER B 214 -14.35 -7.61 -17.66
C SER B 214 -13.60 -8.40 -16.63
N MET B 215 -14.35 -9.09 -15.78
CA MET B 215 -13.73 -9.92 -14.75
C MET B 215 -14.60 -11.09 -14.33
N GLU B 216 -13.95 -12.11 -13.77
CA GLU B 216 -14.64 -13.23 -13.17
C GLU B 216 -14.37 -13.28 -11.67
N LEU B 217 -15.38 -13.69 -10.91
CA LEU B 217 -15.31 -13.80 -9.46
C LEU B 217 -15.73 -15.20 -9.03
N TYR B 218 -14.85 -15.86 -8.28
CA TYR B 218 -15.09 -17.22 -7.82
C TYR B 218 -14.88 -17.25 -6.31
N PHE B 219 -15.69 -18.04 -5.62
CA PHE B 219 -15.45 -18.26 -4.19
C PHE B 219 -16.30 -19.39 -3.62
N GLY B 220 -16.18 -19.60 -2.31
CA GLY B 220 -17.01 -20.53 -1.58
C GLY B 220 -16.69 -20.40 -0.11
N SER B 221 -17.38 -21.18 0.71
CA SER B 221 -17.20 -21.12 2.14
C SER B 221 -15.90 -21.76 2.56
N GLN B 222 -15.12 -21.03 3.37
CA GLN B 222 -13.83 -21.51 3.88
C GLN B 222 -12.86 -21.87 2.75
N ILE B 223 -13.02 -21.22 1.59
CA ILE B 223 -12.09 -21.37 0.49
C ILE B 223 -11.70 -19.98 -0.05
N PRO B 224 -10.55 -19.88 -0.74
CA PRO B 224 -10.12 -18.57 -1.23
C PRO B 224 -11.09 -17.94 -2.21
N LEU B 225 -11.06 -16.62 -2.27
CA LEU B 225 -11.74 -15.86 -3.29
C LEU B 225 -10.82 -15.75 -4.51
N LYS B 226 -11.34 -16.14 -5.68
CA LYS B 226 -10.57 -15.92 -6.91
C LYS B 226 -11.07 -14.75 -7.72
N LEU B 227 -10.20 -13.78 -7.95
CA LEU B 227 -10.50 -12.67 -8.85
C LEU B 227 -9.74 -12.83 -10.17
N ARG B 228 -10.47 -13.03 -11.25
CA ARG B 228 -9.85 -13.08 -12.57
C ARG B 228 -10.14 -11.81 -13.35
N PHE B 229 -9.10 -11.01 -13.56
CA PHE B 229 -9.23 -9.81 -14.38
C PHE B 229 -8.88 -10.11 -15.81
N LYS B 230 -9.89 -10.10 -16.68
CA LYS B 230 -9.70 -10.40 -18.10
C LYS B 230 -8.98 -9.27 -18.83
N LEU B 231 -7.85 -9.63 -19.45
CA LEU B 231 -7.04 -8.67 -20.20
C LEU B 231 -7.23 -8.91 -21.69
N PRO B 232 -6.94 -7.87 -22.51
CA PRO B 232 -7.52 -7.81 -23.85
C PRO B 232 -7.10 -8.94 -24.81
N GLN B 233 -5.91 -9.50 -24.62
CA GLN B 233 -5.38 -10.48 -25.56
C GLN B 233 -5.38 -11.89 -24.99
N GLU B 234 -6.53 -12.29 -24.45
CA GLU B 234 -6.70 -13.58 -23.74
C GLU B 234 -5.83 -13.67 -22.49
N GLY B 235 -5.19 -12.54 -22.16
CA GLY B 235 -4.38 -12.41 -20.96
C GLY B 235 -5.27 -12.34 -19.74
N TYR B 236 -4.68 -12.55 -18.57
CA TYR B 236 -5.42 -12.49 -17.33
C TYR B 236 -4.59 -12.01 -16.15
N GLY B 237 -5.27 -11.45 -15.16
CA GLY B 237 -4.68 -11.08 -13.89
C GLY B 237 -5.44 -11.81 -12.80
N ASP B 238 -4.78 -12.80 -12.21
CA ASP B 238 -5.38 -13.67 -11.21
C ASP B 238 -4.95 -13.35 -9.79
N PHE B 239 -5.94 -13.19 -8.91
CA PHE B 239 -5.73 -12.88 -7.50
C PHE B 239 -6.52 -13.84 -6.62
N TYR B 240 -5.80 -14.64 -5.86
CA TYR B 240 -6.42 -15.62 -4.98
C TYR B 240 -6.22 -15.13 -3.57
N ILE B 241 -7.31 -14.91 -2.86
CA ILE B 241 -7.28 -14.35 -1.51
C ILE B 241 -7.83 -15.33 -0.49
N ALA B 242 -7.00 -15.69 0.50
CA ALA B 242 -7.36 -16.67 1.51
C ALA B 242 -8.55 -16.23 2.37
N PRO B 243 -9.40 -17.19 2.78
CA PRO B 243 -10.50 -16.83 3.68
C PRO B 243 -10.03 -16.45 5.09
N ARG B 244 -10.92 -15.88 5.89
CA ARG B 244 -10.61 -15.62 7.29
C ARG B 244 -11.00 -16.79 8.19
N ALA B 245 -10.44 -16.85 9.41
CA ALA B 245 -10.85 -17.84 10.41
C ALA B 245 -12.38 -18.01 10.40
N ASP B 246 -12.82 -19.24 10.10
CA ASP B 246 -14.20 -19.53 9.65
C ASP B 246 -15.19 -19.89 10.76
N MET C 1 -28.83 -54.78 6.64
CA MET C 1 -29.44 -53.43 6.46
C MET C 1 -28.93 -52.40 7.51
N VAL C 2 -29.09 -51.11 7.19
CA VAL C 2 -28.67 -50.02 8.08
C VAL C 2 -29.71 -48.90 8.08
N LYS C 3 -30.24 -48.57 9.26
CA LYS C 3 -31.20 -47.47 9.41
C LYS C 3 -30.83 -46.61 10.63
N ILE C 4 -30.70 -45.30 10.40
CA ILE C 4 -30.25 -44.36 11.42
C ILE C 4 -31.02 -43.04 11.35
N VAL C 5 -31.41 -42.51 12.51
CA VAL C 5 -31.93 -41.14 12.58
C VAL C 5 -31.08 -40.30 13.55
N TYR C 6 -30.67 -39.10 13.11
CA TYR C 6 -29.92 -38.15 13.95
C TYR C 6 -30.79 -36.96 14.35
N PRO C 7 -30.73 -36.54 15.63
CA PRO C 7 -31.44 -35.34 16.08
C PRO C 7 -30.89 -34.01 15.53
N ASN C 8 -29.56 -33.85 15.53
CA ASN C 8 -28.92 -32.60 15.13
C ASN C 8 -28.28 -32.66 13.75
N ALA C 9 -28.90 -31.99 12.76
CA ALA C 9 -28.32 -31.95 11.42
C ALA C 9 -27.06 -31.10 11.41
N LYS C 10 -27.12 -29.96 12.09
CA LYS C 10 -25.93 -29.14 12.39
C LYS C 10 -24.72 -30.02 12.59
N ASP C 11 -24.74 -30.76 13.70
CA ASP C 11 -23.59 -31.55 14.15
C ASP C 11 -23.18 -32.58 13.12
N PHE C 12 -24.17 -33.13 12.43
CA PHE C 12 -23.91 -34.14 11.43
C PHE C 12 -22.98 -33.61 10.35
N PHE C 13 -23.27 -32.40 9.87
CA PHE C 13 -22.46 -31.76 8.83
C PHE C 13 -21.13 -31.33 9.41
N SER C 14 -21.13 -30.91 10.68
CA SER C 14 -19.89 -30.51 11.33
C SER C 14 -18.88 -31.67 11.40
N PHE C 15 -19.37 -32.83 11.83
CA PHE C 15 -18.56 -34.04 11.92
C PHE C 15 -17.91 -34.41 10.59
N ILE C 16 -18.71 -34.41 9.53
CA ILE C 16 -18.27 -34.76 8.19
C ILE C 16 -17.27 -33.71 7.71
N ASN C 17 -17.55 -32.46 8.04
CA ASN C 17 -16.65 -31.37 7.71
C ASN C 17 -15.28 -31.54 8.39
N SER C 18 -15.28 -31.91 9.68
CA SER C 18 -14.03 -32.13 10.41
C SER C 18 -13.14 -33.20 9.80
N ILE C 19 -13.73 -34.38 9.57
CA ILE C 19 -12.97 -35.51 9.05
C ILE C 19 -12.16 -35.08 7.81
N THR C 20 -12.70 -34.08 7.12
CA THR C 20 -12.22 -33.59 5.85
C THR C 20 -10.86 -32.88 5.90
N ASN C 21 -10.46 -32.45 7.09
CA ASN C 21 -9.16 -31.81 7.29
C ASN C 21 -8.02 -32.82 7.21
N VAL C 22 -8.40 -34.10 7.28
CA VAL C 22 -7.48 -35.23 7.22
C VAL C 22 -7.55 -35.98 5.88
N THR C 23 -8.74 -36.01 5.28
CA THR C 23 -8.98 -36.81 4.09
C THR C 23 -10.12 -36.25 3.24
N ASP C 24 -10.13 -36.60 1.95
CA ASP C 24 -11.16 -36.11 1.04
C ASP C 24 -12.23 -37.19 0.75
N SER C 25 -11.86 -38.45 1.01
CA SER C 25 -12.80 -39.57 1.04
C SER C 25 -12.93 -40.06 2.48
N ILE C 26 -14.04 -40.71 2.80
CA ILE C 26 -14.36 -41.04 4.18
C ILE C 26 -14.93 -42.44 4.23
N ILE C 27 -14.58 -43.19 5.26
CA ILE C 27 -15.15 -44.50 5.50
C ILE C 27 -15.94 -44.43 6.81
N LEU C 28 -17.23 -44.78 6.75
CA LEU C 28 -18.05 -44.86 7.94
C LEU C 28 -18.17 -46.30 8.37
N ASN C 29 -18.22 -46.53 9.68
CA ASN C 29 -18.31 -47.87 10.24
C ASN C 29 -19.53 -47.98 11.15
N PHE C 30 -20.45 -48.86 10.78
CA PHE C 30 -21.67 -49.09 11.53
C PHE C 30 -21.52 -50.38 12.30
N THR C 31 -21.27 -50.27 13.60
CA THR C 31 -21.02 -51.44 14.45
C THR C 31 -22.18 -51.60 15.43
N GLU C 32 -22.13 -52.68 16.22
CA GLU C 32 -23.16 -52.90 17.25
C GLU C 32 -23.18 -51.76 18.26
N ASP C 33 -22.05 -51.08 18.39
CA ASP C 33 -21.88 -49.97 19.33
C ASP C 33 -22.40 -48.64 18.78
N GLY C 34 -22.33 -48.49 17.44
CA GLY C 34 -22.72 -47.23 16.78
C GLY C 34 -21.80 -46.85 15.63
N ILE C 35 -21.71 -45.54 15.37
CA ILE C 35 -20.95 -45.03 14.22
C ILE C 35 -19.56 -44.52 14.62
N PHE C 36 -18.54 -44.98 13.90
CA PHE C 36 -17.20 -44.42 14.00
C PHE C 36 -16.52 -44.23 12.64
N SER C 37 -15.60 -43.28 12.60
CA SER C 37 -14.70 -43.13 11.46
C SER C 37 -13.32 -42.73 11.95
N ARG C 38 -12.28 -43.38 11.44
CA ARG C 38 -10.92 -42.99 11.76
C ARG C 38 -10.05 -42.93 10.50
N HIS C 39 -9.41 -41.78 10.30
CA HIS C 39 -8.60 -41.55 9.11
C HIS C 39 -7.28 -40.86 9.48
N LEU C 40 -6.35 -40.86 8.53
CA LEU C 40 -4.97 -40.53 8.79
C LEU C 40 -4.38 -39.82 7.57
N THR C 41 -3.66 -38.73 7.80
CA THR C 41 -2.92 -38.07 6.72
C THR C 41 -1.94 -39.06 6.05
N GLU C 42 -1.62 -38.84 4.77
CA GLU C 42 -0.59 -39.67 4.11
C GLU C 42 0.71 -39.77 4.92
N ASP C 43 1.24 -38.63 5.37
CA ASP C 43 2.48 -38.65 6.16
C ASP C 43 2.29 -39.31 7.54
N LYS C 44 1.04 -39.61 7.90
CA LYS C 44 0.69 -40.39 9.09
C LYS C 44 0.66 -39.56 10.38
N VAL C 45 0.87 -38.25 10.26
CA VAL C 45 1.09 -37.36 11.40
C VAL C 45 -0.20 -36.89 12.08
N LEU C 46 -1.28 -36.71 11.32
CA LEU C 46 -2.53 -36.27 11.90
C LEU C 46 -3.64 -37.31 11.72
N MET C 47 -4.25 -37.69 12.84
CA MET C 47 -5.36 -38.63 12.82
C MET C 47 -6.68 -37.97 13.25
N ALA C 48 -7.75 -38.25 12.51
CA ALA C 48 -9.10 -37.86 12.93
C ALA C 48 -9.95 -39.08 13.30
N ILE C 49 -10.68 -38.97 14.40
CA ILE C 49 -11.59 -40.02 14.86
C ILE C 49 -12.96 -39.43 15.17
N MET C 50 -13.99 -39.87 14.44
CA MET C 50 -15.37 -39.60 14.81
C MET C 50 -15.94 -40.76 15.61
N ARG C 51 -16.57 -40.45 16.73
CA ARG C 51 -17.19 -41.46 17.55
C ARG C 51 -18.60 -41.04 17.95
N ILE C 52 -19.59 -41.69 17.35
CA ILE C 52 -21.00 -41.42 17.63
C ILE C 52 -21.69 -42.68 18.17
N PRO C 53 -21.65 -42.86 19.51
CA PRO C 53 -22.31 -44.01 20.13
C PRO C 53 -23.81 -44.05 19.81
N LYS C 54 -24.35 -45.26 19.69
CA LYS C 54 -25.73 -45.50 19.26
C LYS C 54 -26.81 -44.81 20.11
N ASP C 55 -26.51 -44.58 21.38
CA ASP C 55 -27.49 -44.09 22.35
C ASP C 55 -27.73 -42.57 22.30
N VAL C 56 -27.00 -41.86 21.45
CA VAL C 56 -27.18 -40.41 21.31
C VAL C 56 -28.08 -40.04 20.13
N LEU C 57 -28.20 -40.96 19.18
CA LEU C 57 -29.09 -40.81 18.04
C LEU C 57 -30.52 -41.02 18.50
N SER C 58 -31.48 -40.53 17.72
CA SER C 58 -32.89 -40.83 18.01
C SER C 58 -33.29 -42.23 17.51
N GLU C 59 -32.53 -42.80 16.58
CA GLU C 59 -32.70 -44.19 16.13
C GLU C 59 -31.43 -44.83 15.57
N TYR C 60 -31.22 -46.10 15.90
CA TYR C 60 -30.06 -46.85 15.37
C TYR C 60 -30.38 -48.32 15.12
N SER C 61 -30.93 -48.63 13.95
CA SER C 61 -31.26 -50.01 13.59
C SER C 61 -30.29 -50.62 12.58
N ILE C 62 -29.75 -51.77 12.99
CA ILE C 62 -28.72 -52.45 12.21
C ILE C 62 -28.88 -53.94 12.47
N ASP C 63 -28.24 -54.76 11.65
CA ASP C 63 -28.26 -56.21 11.83
C ASP C 63 -26.87 -56.78 11.60
N SER C 64 -26.21 -56.25 10.58
CA SER C 64 -24.89 -56.72 10.19
C SER C 64 -23.98 -55.52 9.98
N PRO C 65 -22.87 -55.47 10.75
CA PRO C 65 -21.91 -54.38 10.63
C PRO C 65 -21.26 -54.31 9.26
N THR C 66 -21.26 -53.11 8.65
CA THR C 66 -20.56 -52.85 7.39
C THR C 66 -19.82 -51.51 7.43
N SER C 67 -18.85 -51.35 6.53
CA SER C 67 -18.28 -50.05 6.24
C SER C 67 -18.87 -49.49 4.95
N VAL C 68 -19.27 -48.22 4.97
CA VAL C 68 -19.68 -47.52 3.76
C VAL C 68 -18.56 -46.56 3.37
N LYS C 69 -18.11 -46.66 2.12
CA LYS C 69 -17.00 -45.85 1.64
C LYS C 69 -17.51 -44.65 0.86
N LEU C 70 -17.07 -43.46 1.28
CA LEU C 70 -17.54 -42.21 0.69
C LEU C 70 -16.56 -41.49 -0.24
N ASP C 71 -16.93 -41.56 -1.50
CA ASP C 71 -16.30 -40.90 -2.64
C ASP C 71 -15.99 -39.43 -2.36
N VAL C 72 -15.02 -38.88 -3.10
CA VAL C 72 -14.68 -37.45 -3.06
C VAL C 72 -15.89 -36.60 -3.45
N SER C 73 -16.46 -36.89 -4.62
CA SER C 73 -17.65 -36.20 -5.08
C SER C 73 -18.84 -36.52 -4.18
N SER C 74 -18.87 -37.77 -3.73
CA SER C 74 -19.93 -38.24 -2.85
C SER C 74 -19.91 -37.54 -1.48
N VAL C 75 -18.71 -37.13 -1.03
CA VAL C 75 -18.59 -36.30 0.18
C VAL C 75 -18.94 -34.83 -0.08
N LYS C 76 -18.52 -34.27 -1.22
CA LYS C 76 -18.83 -32.87 -1.49
C LYS C 76 -20.29 -32.61 -1.80
N LYS C 77 -20.96 -33.65 -2.30
CA LYS C 77 -22.41 -33.68 -2.47
C LYS C 77 -23.13 -33.55 -1.12
N ILE C 78 -22.69 -34.33 -0.13
CA ILE C 78 -23.28 -34.29 1.21
C ILE C 78 -23.03 -32.94 1.86
N LEU C 79 -21.86 -32.37 1.63
CA LEU C 79 -21.55 -31.08 2.22
C LEU C 79 -22.21 -29.94 1.43
N SER C 80 -22.62 -30.23 0.19
CA SER C 80 -23.40 -29.29 -0.62
C SER C 80 -24.66 -28.85 0.09
N LYS C 81 -25.30 -29.80 0.76
CA LYS C 81 -26.58 -29.56 1.40
C LYS C 81 -26.38 -29.23 2.88
N ALA C 82 -25.31 -28.50 3.20
CA ALA C 82 -24.99 -28.15 4.58
C ALA C 82 -25.70 -26.87 5.03
N SER C 83 -26.15 -26.86 6.28
CA SER C 83 -26.70 -25.65 6.93
C SER C 83 -26.72 -25.79 8.46
N SER C 84 -26.89 -24.66 9.14
CA SER C 84 -27.07 -24.67 10.59
C SER C 84 -28.51 -24.25 10.97
N LYS C 85 -29.45 -25.06 10.42
CA LYS C 85 -30.84 -24.95 10.81
C LYS C 85 -31.16 -26.20 11.59
N LYS C 86 -32.14 -26.10 12.50
CA LYS C 86 -32.56 -27.27 13.25
C LYS C 86 -33.25 -28.18 12.26
N ALA C 87 -32.81 -29.44 12.24
CA ALA C 87 -33.23 -30.41 11.23
C ALA C 87 -32.80 -31.81 11.66
N THR C 88 -33.43 -32.82 11.09
CA THR C 88 -33.14 -34.21 11.41
C THR C 88 -32.50 -34.86 10.18
N ILE C 89 -31.83 -35.99 10.39
CA ILE C 89 -31.23 -36.74 9.29
C ILE C 89 -31.62 -38.22 9.41
N GLU C 90 -32.27 -38.75 8.37
CA GLU C 90 -32.53 -40.17 8.29
C GLU C 90 -31.61 -40.81 7.26
N LEU C 91 -30.95 -41.88 7.67
CA LEU C 91 -29.94 -42.54 6.85
C LEU C 91 -30.20 -44.03 6.69
N THR C 92 -30.29 -44.44 5.43
CA THR C 92 -30.57 -45.81 5.08
C THR C 92 -29.66 -46.19 3.94
N GLU C 93 -29.23 -47.45 3.88
CA GLU C 93 -28.49 -47.92 2.72
C GLU C 93 -29.39 -48.48 1.62
N THR C 94 -29.16 -47.99 0.41
CA THR C 94 -29.77 -48.51 -0.79
C THR C 94 -28.73 -49.39 -1.47
N ASP C 95 -29.18 -50.36 -2.25
CA ASP C 95 -28.26 -51.32 -2.89
C ASP C 95 -27.08 -50.71 -3.69
N SER C 96 -27.19 -49.41 -4.01
CA SER C 96 -26.17 -48.72 -4.81
C SER C 96 -25.24 -47.90 -3.92
N GLY C 97 -25.52 -47.93 -2.62
CA GLY C 97 -24.94 -47.03 -1.67
C GLY C 97 -25.96 -46.65 -0.62
N LEU C 98 -26.48 -45.43 -0.70
CA LEU C 98 -27.07 -44.82 0.48
C LEU C 98 -28.13 -43.74 0.19
N LYS C 99 -29.01 -43.54 1.15
CA LYS C 99 -30.04 -42.51 1.07
C LYS C 99 -30.13 -41.68 2.34
N ILE C 100 -30.11 -40.37 2.17
CA ILE C 100 -30.16 -39.42 3.27
C ILE C 100 -31.34 -38.49 3.09
N ILE C 101 -32.14 -38.34 4.14
CA ILE C 101 -33.29 -37.43 4.11
C ILE C 101 -33.14 -36.34 5.15
N ILE C 102 -33.32 -35.07 4.74
CA ILE C 102 -33.21 -33.93 5.64
C ILE C 102 -34.55 -33.24 5.91
N ARG C 103 -35.07 -33.42 7.14
CA ARG C 103 -36.28 -32.75 7.64
C ARG C 103 -35.96 -31.41 8.26
N ASP C 104 -36.82 -30.42 8.09
CA ASP C 104 -36.50 -29.05 8.47
C ASP C 104 -37.60 -28.43 9.31
N GLU C 105 -37.35 -28.26 10.60
CA GLU C 105 -38.38 -27.79 11.57
C GLU C 105 -39.26 -26.61 11.15
N LYS C 106 -38.66 -25.41 11.11
CA LYS C 106 -39.38 -24.14 10.89
C LYS C 106 -40.09 -24.03 9.53
N SER C 107 -39.31 -24.09 8.44
CA SER C 107 -39.82 -23.82 7.09
C SER C 107 -40.76 -24.91 6.54
N GLY C 108 -40.35 -26.19 6.66
CA GLY C 108 -41.19 -27.31 6.14
C GLY C 108 -40.81 -28.67 6.76
N ALA C 109 -40.14 -29.56 5.98
CA ALA C 109 -39.77 -29.35 4.53
C ALA C 109 -39.28 -30.71 3.99
N LYS C 110 -38.17 -30.70 3.24
CA LYS C 110 -37.35 -31.92 2.86
C LYS C 110 -36.62 -32.12 1.52
N SER C 111 -35.36 -32.58 1.70
CA SER C 111 -34.46 -32.90 0.60
C SER C 111 -33.95 -34.31 0.82
N THR C 112 -34.01 -35.13 -0.23
CA THR C 112 -33.37 -36.44 -0.21
C THR C 112 -32.12 -36.33 -1.06
N ILE C 113 -31.10 -37.08 -0.65
CA ILE C 113 -29.87 -37.18 -1.40
C ILE C 113 -29.54 -38.66 -1.55
N TYR C 114 -29.22 -39.05 -2.80
CA TYR C 114 -28.83 -40.40 -3.04
C TYR C 114 -27.32 -40.45 -3.18
N ILE C 115 -26.70 -41.42 -2.53
CA ILE C 115 -25.26 -41.49 -2.46
C ILE C 115 -24.78 -42.81 -3.04
N LYS C 116 -24.04 -42.71 -4.13
CA LYS C 116 -23.38 -43.84 -4.78
C LYS C 116 -22.10 -44.14 -3.99
N ALA C 117 -22.13 -45.25 -3.28
CA ALA C 117 -21.10 -45.55 -2.29
C ALA C 117 -20.77 -47.03 -2.32
N GLU C 118 -19.48 -47.37 -2.08
CA GLU C 118 -19.15 -48.79 -2.01
C GLU C 118 -19.19 -49.35 -0.57
N LYS C 119 -19.31 -50.66 -0.49
CA LYS C 119 -19.65 -51.35 0.75
C LYS C 119 -18.45 -52.22 1.12
N GLY C 120 -18.25 -52.47 2.41
CA GLY C 120 -17.04 -53.17 2.83
C GLY C 120 -17.07 -53.80 4.21
N GLN C 121 -16.01 -54.52 4.52
CA GLN C 121 -15.80 -55.10 5.84
C GLN C 121 -15.56 -53.96 6.83
N VAL C 122 -16.05 -54.13 8.05
CA VAL C 122 -15.81 -53.15 9.11
C VAL C 122 -14.38 -53.27 9.64
N GLU C 123 -13.71 -52.13 9.73
CA GLU C 123 -12.41 -52.05 10.40
C GLU C 123 -12.65 -52.12 11.91
N GLN C 124 -11.59 -52.38 12.65
CA GLN C 124 -11.69 -52.36 14.10
C GLN C 124 -11.13 -51.03 14.64
N LEU C 125 -11.92 -50.35 15.48
CA LEU C 125 -11.48 -49.09 16.09
C LEU C 125 -10.68 -49.36 17.35
N THR C 126 -9.46 -48.84 17.36
CA THR C 126 -8.65 -48.85 18.55
C THR C 126 -8.11 -47.44 18.76
N GLU C 127 -8.57 -46.77 19.81
CA GLU C 127 -7.94 -45.55 20.25
C GLU C 127 -6.56 -45.93 20.78
N PRO C 128 -5.52 -45.17 20.38
CA PRO C 128 -4.19 -45.44 20.93
C PRO C 128 -4.27 -45.33 22.44
N LYS C 129 -3.66 -46.28 23.15
CA LYS C 129 -3.88 -46.43 24.58
C LYS C 129 -2.87 -45.63 25.40
N VAL C 130 -1.96 -44.96 24.69
CA VAL C 130 -0.93 -44.11 25.28
C VAL C 130 -1.48 -43.30 26.46
N ASN C 131 -0.75 -43.34 27.56
CA ASN C 131 -1.06 -42.53 28.71
C ASN C 131 -0.56 -41.10 28.52
N LEU C 132 -1.44 -40.13 28.74
CA LEU C 132 -1.07 -38.74 28.64
C LEU C 132 -1.19 -38.05 29.99
N ALA C 133 -0.05 -37.56 30.48
CA ALA C 133 0.09 -37.03 31.82
C ALA C 133 -0.59 -35.68 31.99
N VAL C 134 -0.61 -34.88 30.93
CA VAL C 134 -1.14 -33.53 30.98
C VAL C 134 -2.45 -33.42 30.21
N ASN C 135 -3.41 -32.70 30.79
CA ASN C 135 -4.61 -32.33 30.07
C ASN C 135 -5.25 -31.06 30.60
N PHE C 136 -5.89 -30.31 29.69
CA PHE C 136 -6.59 -29.08 30.05
C PHE C 136 -7.78 -28.84 29.13
N THR C 137 -8.79 -28.15 29.64
CA THR C 137 -10.00 -27.90 28.89
C THR C 137 -10.15 -26.42 28.57
N THR C 138 -10.24 -26.10 27.29
CA THR C 138 -10.57 -24.74 26.86
C THR C 138 -11.61 -24.82 25.76
N ASP C 139 -11.84 -23.74 25.03
CA ASP C 139 -12.76 -23.79 23.89
C ASP C 139 -12.03 -23.67 22.55
N GLU C 140 -12.78 -23.65 21.45
CA GLU C 140 -12.19 -23.62 20.13
C GLU C 140 -11.58 -22.26 19.80
N SER C 141 -12.22 -21.19 20.26
CA SER C 141 -11.77 -19.83 19.94
C SER C 141 -10.42 -19.47 20.59
N VAL C 142 -10.12 -20.06 21.75
CA VAL C 142 -8.81 -19.94 22.35
C VAL C 142 -7.78 -20.67 21.50
N LEU C 143 -8.12 -21.91 21.12
CA LEU C 143 -7.21 -22.74 20.38
C LEU C 143 -6.96 -22.15 19.00
N ASN C 144 -7.91 -21.37 18.53
CA ASN C 144 -7.82 -20.73 17.23
C ASN C 144 -6.84 -19.59 17.25
N VAL C 145 -6.93 -18.79 18.32
CA VAL C 145 -6.00 -17.69 18.52
C VAL C 145 -4.55 -18.21 18.61
N ILE C 146 -4.35 -19.31 19.33
CA ILE C 146 -3.02 -19.90 19.42
C ILE C 146 -2.53 -20.42 18.07
N ALA C 147 -3.39 -21.14 17.35
CA ALA C 147 -3.04 -21.62 16.02
C ALA C 147 -2.46 -20.49 15.18
N ALA C 148 -3.26 -19.44 14.93
CA ALA C 148 -2.82 -18.29 14.13
C ALA C 148 -1.55 -17.63 14.68
N ASP C 149 -1.44 -17.56 16.01
CA ASP C 149 -0.29 -16.98 16.68
C ASP C 149 1.01 -17.72 16.35
N VAL C 150 1.00 -19.05 16.43
CA VAL C 150 2.24 -19.77 16.14
C VAL C 150 2.57 -19.75 14.66
N THR C 151 1.55 -19.88 13.79
CA THR C 151 1.78 -19.89 12.36
C THR C 151 2.43 -18.59 11.90
N LEU C 152 2.04 -17.47 12.52
CA LEU C 152 2.65 -16.18 12.20
C LEU C 152 4.16 -16.22 12.37
N VAL C 153 4.60 -16.99 13.37
CA VAL C 153 5.95 -16.90 13.89
C VAL C 153 6.88 -18.05 13.49
N GLY C 154 6.31 -19.24 13.29
CA GLY C 154 7.09 -20.44 12.99
C GLY C 154 6.23 -21.60 12.50
N GLU C 155 6.86 -22.75 12.33
CA GLU C 155 6.24 -23.93 11.72
C GLU C 155 6.11 -25.07 12.71
N GLU C 156 6.45 -24.78 13.96
CA GLU C 156 6.51 -25.76 15.02
C GLU C 156 6.08 -25.11 16.33
N MET C 157 5.21 -25.81 17.07
CA MET C 157 4.70 -25.39 18.37
C MET C 157 5.33 -26.19 19.51
N ARG C 158 5.92 -25.50 20.48
CA ARG C 158 6.42 -26.18 21.67
C ARG C 158 5.43 -25.99 22.81
N ILE C 159 5.04 -27.10 23.43
CA ILE C 159 4.08 -27.06 24.52
C ILE C 159 4.67 -27.69 25.79
N SER C 160 4.48 -27.02 26.92
CA SER C 160 5.11 -27.45 28.18
C SER C 160 4.38 -27.02 29.43
N THR C 161 4.59 -27.76 30.51
CA THR C 161 4.13 -27.37 31.84
C THR C 161 5.21 -26.60 32.61
N GLU C 162 4.99 -25.31 32.80
CA GLU C 162 5.86 -24.49 33.64
C GLU C 162 5.04 -23.95 34.82
N GLU C 163 5.20 -24.63 35.96
CA GLU C 163 4.40 -24.40 37.19
C GLU C 163 2.97 -23.90 37.33
N ASP C 164 2.07 -24.91 37.41
CA ASP C 164 0.61 -24.78 37.39
C ASP C 164 0.06 -23.95 36.23
N LYS C 165 0.74 -24.01 35.11
CA LYS C 165 0.29 -23.34 33.91
C LYS C 165 0.91 -24.01 32.70
N ILE C 166 0.28 -23.80 31.55
CA ILE C 166 0.73 -24.32 30.27
C ILE C 166 1.46 -23.21 29.51
N LYS C 167 2.61 -23.59 28.96
CA LYS C 167 3.43 -22.67 28.19
C LYS C 167 3.50 -23.14 26.74
N ILE C 168 3.20 -22.21 25.84
CA ILE C 168 3.25 -22.45 24.41
C ILE C 168 4.28 -21.53 23.78
N GLU C 169 5.25 -22.13 23.09
CA GLU C 169 6.36 -21.42 22.49
C GLU C 169 6.40 -21.68 20.99
N ALA C 170 6.79 -20.67 20.23
CA ALA C 170 7.05 -20.81 18.80
C ALA C 170 8.03 -19.74 18.34
N GLY C 171 8.74 -20.01 17.25
CA GLY C 171 9.66 -19.05 16.65
C GLY C 171 11.06 -19.61 16.56
N GLU C 172 11.57 -19.68 15.35
CA GLU C 172 12.84 -20.41 15.15
C GLU C 172 14.11 -19.61 15.44
N GLU C 173 14.03 -18.28 15.52
CA GLU C 173 15.25 -17.50 15.77
C GLU C 173 14.98 -16.09 16.32
N GLY C 174 14.79 -15.98 17.63
CA GLY C 174 14.65 -14.66 18.24
C GLY C 174 13.32 -13.97 17.98
N LYS C 175 12.73 -14.22 16.81
CA LYS C 175 11.39 -13.77 16.51
C LYS C 175 10.43 -14.76 17.14
N ARG C 176 10.03 -14.48 18.39
CA ARG C 176 9.38 -15.49 19.21
C ARG C 176 7.93 -15.21 19.58
N TYR C 177 7.28 -16.26 20.10
CA TYR C 177 5.93 -16.21 20.59
C TYR C 177 5.84 -17.01 21.86
N VAL C 178 5.27 -16.41 22.89
CA VAL C 178 5.03 -17.11 24.15
C VAL C 178 3.61 -16.83 24.63
N ALA C 179 2.91 -17.88 25.01
CA ALA C 179 1.58 -17.76 25.58
C ALA C 179 1.50 -18.55 26.87
N PHE C 180 0.77 -18.00 27.83
CA PHE C 180 0.57 -18.68 29.09
C PHE C 180 -0.89 -19.01 29.29
N LEU C 181 -1.16 -20.28 29.55
CA LEU C 181 -2.51 -20.75 29.79
C LEU C 181 -2.67 -21.24 31.23
N MET C 182 -3.55 -20.60 32.00
CA MET C 182 -3.79 -21.07 33.36
C MET C 182 -5.23 -20.95 33.79
N LYS C 183 -5.58 -21.69 34.85
CA LYS C 183 -6.94 -21.75 35.39
C LYS C 183 -7.61 -20.38 35.36
N ASP C 184 -8.85 -20.35 34.86
CA ASP C 184 -9.65 -19.12 34.81
C ASP C 184 -9.03 -17.99 33.98
N LYS C 185 -7.93 -18.29 33.30
CA LYS C 185 -7.31 -17.31 32.40
C LYS C 185 -6.51 -18.03 31.31
N PRO C 186 -7.20 -18.60 30.32
CA PRO C 186 -8.66 -18.73 30.16
C PRO C 186 -9.23 -20.11 30.53
N LEU C 187 -8.39 -21.00 31.04
CA LEU C 187 -8.73 -22.42 31.18
C LEU C 187 -9.88 -22.70 32.13
N LYS C 188 -10.68 -23.69 31.77
CA LYS C 188 -11.84 -24.08 32.56
C LYS C 188 -11.44 -25.14 33.59
N GLU C 189 -10.62 -26.09 33.16
CA GLU C 189 -9.96 -27.03 34.05
C GLU C 189 -8.54 -27.28 33.60
N LEU C 190 -7.68 -27.69 34.54
CA LEU C 190 -6.28 -27.98 34.27
C LEU C 190 -5.79 -29.14 35.15
N SER C 191 -5.23 -30.17 34.50
CA SER C 191 -4.90 -31.43 35.18
C SER C 191 -3.48 -31.93 34.82
N ILE C 192 -2.48 -31.40 35.51
CA ILE C 192 -1.09 -31.78 35.32
C ILE C 192 -0.70 -32.88 36.31
N ASP C 193 -0.54 -34.11 35.80
CA ASP C 193 -0.13 -35.25 36.64
C ASP C 193 1.34 -35.17 37.02
N THR C 194 2.18 -35.14 35.97
CA THR C 194 3.63 -35.01 36.08
C THR C 194 4.06 -34.14 34.91
N SER C 195 5.20 -33.46 35.06
CA SER C 195 5.69 -32.53 34.05
C SER C 195 5.85 -33.13 32.66
N ALA C 196 5.79 -32.28 31.64
CA ALA C 196 5.91 -32.74 30.25
C ALA C 196 6.12 -31.60 29.26
N SER C 197 6.76 -31.93 28.14
CA SER C 197 6.88 -31.02 27.02
C SER C 197 6.84 -31.84 25.76
N SER C 198 6.41 -31.21 24.67
CA SER C 198 6.37 -31.86 23.38
C SER C 198 6.33 -30.81 22.29
N SER C 199 6.65 -31.20 21.07
CA SER C 199 6.51 -30.31 19.91
C SER C 199 5.68 -30.93 18.79
N TYR C 200 4.97 -30.08 18.05
CA TYR C 200 4.05 -30.50 16.99
C TYR C 200 4.15 -29.57 15.81
N SER C 201 3.83 -30.08 14.63
CA SER C 201 3.72 -29.28 13.39
C SER C 201 2.67 -28.17 13.59
N ALA C 202 3.01 -26.95 13.18
CA ALA C 202 2.08 -25.85 13.33
C ALA C 202 0.95 -26.01 12.33
N GLU C 203 1.24 -26.58 11.17
CA GLU C 203 0.20 -26.92 10.22
C GLU C 203 -0.79 -27.93 10.78
N MET C 204 -0.27 -29.01 11.37
CA MET C 204 -1.12 -30.08 11.86
C MET C 204 -1.96 -29.62 13.04
N PHE C 205 -1.41 -28.74 13.86
CA PHE C 205 -2.20 -28.16 14.94
C PHE C 205 -3.29 -27.24 14.39
N LYS C 206 -2.96 -26.48 13.36
CA LYS C 206 -3.94 -25.61 12.73
C LYS C 206 -5.12 -26.40 12.11
N ASP C 207 -4.79 -27.50 11.43
CA ASP C 207 -5.80 -28.34 10.79
C ASP C 207 -6.72 -29.02 11.81
N ALA C 208 -6.14 -29.49 12.90
CA ALA C 208 -6.89 -30.06 14.03
C ALA C 208 -7.85 -29.02 14.66
N VAL C 209 -7.37 -27.79 14.87
CA VAL C 209 -8.22 -26.71 15.40
C VAL C 209 -9.24 -26.26 14.36
N LYS C 210 -8.89 -26.42 13.08
CA LYS C 210 -9.85 -26.15 12.04
C LYS C 210 -10.93 -27.22 12.13
N GLY C 211 -10.55 -28.41 12.56
CA GLY C 211 -11.48 -29.50 12.69
C GLY C 211 -12.53 -29.31 13.77
N LEU C 212 -12.39 -28.25 14.57
CA LEU C 212 -13.35 -27.97 15.65
C LEU C 212 -14.45 -27.01 15.25
N ARG C 213 -14.38 -26.52 14.00
CA ARG C 213 -15.42 -25.67 13.43
C ARG C 213 -16.79 -26.35 13.62
N GLY C 214 -17.71 -25.65 14.27
CA GLY C 214 -19.07 -26.14 14.40
C GLY C 214 -19.49 -26.67 15.76
N PHE C 215 -18.54 -27.23 16.49
CA PHE C 215 -18.80 -27.74 17.84
C PHE C 215 -18.46 -26.67 18.86
N SER C 216 -19.50 -26.08 19.45
CA SER C 216 -19.24 -25.04 20.44
C SER C 216 -18.73 -25.57 21.78
N ALA C 217 -18.91 -26.86 22.03
CA ALA C 217 -18.59 -27.44 23.33
C ALA C 217 -17.13 -27.23 23.70
N PRO C 218 -16.85 -27.19 25.02
CA PRO C 218 -15.50 -27.25 25.58
C PRO C 218 -14.62 -28.32 24.94
N THR C 219 -13.32 -28.09 24.93
CA THR C 219 -12.36 -28.91 24.20
C THR C 219 -11.22 -29.34 25.12
N MET C 220 -10.92 -30.65 25.15
CA MET C 220 -9.85 -31.16 26.01
C MET C 220 -8.56 -31.49 25.25
N VAL C 221 -7.47 -30.86 25.67
CA VAL C 221 -6.15 -31.07 25.08
C VAL C 221 -5.26 -31.85 26.07
N SER C 222 -4.61 -32.90 25.55
CA SER C 222 -3.78 -33.78 26.37
C SER C 222 -2.46 -34.04 25.68
N PHE C 223 -1.39 -34.21 26.46
CA PHE C 223 -0.08 -34.56 25.91
C PHE C 223 0.90 -35.15 26.93
N GLY C 224 2.05 -35.58 26.44
CA GLY C 224 3.10 -36.11 27.30
C GLY C 224 4.47 -35.82 26.73
N GLU C 225 5.50 -36.10 27.53
CA GLU C 225 6.89 -35.92 27.17
C GLU C 225 7.20 -36.58 25.82
N ASN C 226 7.40 -35.74 24.80
CA ASN C 226 7.57 -36.17 23.41
C ASN C 226 6.57 -37.26 22.97
N LEU C 227 5.30 -37.03 23.29
CA LEU C 227 4.23 -37.95 22.95
C LEU C 227 3.16 -37.26 22.08
N PRO C 228 2.19 -38.03 21.55
CA PRO C 228 1.16 -37.38 20.72
C PRO C 228 0.25 -36.40 21.49
N MET C 229 -0.31 -35.42 20.80
CA MET C 229 -1.35 -34.59 21.37
C MET C 229 -2.74 -35.04 20.94
N LYS C 230 -3.68 -35.05 21.90
CA LYS C 230 -5.06 -35.38 21.68
C LYS C 230 -5.93 -34.15 21.90
N ILE C 231 -6.83 -33.88 20.95
CA ILE C 231 -7.81 -32.80 21.02
C ILE C 231 -9.21 -33.40 20.91
N ASP C 232 -10.02 -33.20 21.95
CA ASP C 232 -11.27 -33.95 22.15
C ASP C 232 -12.42 -32.99 22.43
N VAL C 233 -13.43 -33.04 21.57
CA VAL C 233 -14.64 -32.23 21.71
C VAL C 233 -15.91 -33.09 21.56
N GLU C 234 -16.86 -32.87 22.46
CA GLU C 234 -18.12 -33.57 22.46
C GLU C 234 -19.14 -32.63 21.86
N ALA C 235 -19.82 -33.08 20.82
CA ALA C 235 -20.87 -32.28 20.19
C ALA C 235 -22.05 -32.05 21.14
N VAL C 236 -22.77 -30.95 20.91
CA VAL C 236 -23.98 -30.62 21.67
C VAL C 236 -25.01 -31.77 21.55
N SER C 237 -24.93 -32.50 20.43
CA SER C 237 -25.89 -33.55 20.12
C SER C 237 -25.49 -34.95 20.59
N GLY C 238 -24.21 -35.17 20.88
CA GLY C 238 -23.81 -36.49 21.32
C GLY C 238 -22.36 -36.91 21.25
N GLY C 239 -21.90 -37.30 20.07
CA GLY C 239 -20.61 -37.98 19.92
C GLY C 239 -19.32 -37.22 20.21
N HIS C 240 -18.19 -37.82 19.83
CA HIS C 240 -16.88 -37.20 19.98
C HIS C 240 -16.13 -37.01 18.65
N MET C 241 -15.65 -35.79 18.41
CA MET C 241 -14.66 -35.55 17.38
C MET C 241 -13.26 -35.47 18.03
N ILE C 242 -12.33 -36.26 17.52
CA ILE C 242 -11.00 -36.37 18.11
C ILE C 242 -9.89 -36.26 17.07
N PHE C 243 -8.82 -35.54 17.44
CA PHE C 243 -7.60 -35.48 16.66
C PHE C 243 -6.39 -35.90 17.49
N TRP C 244 -5.51 -36.65 16.85
CA TRP C 244 -4.24 -36.98 17.43
C TRP C 244 -3.15 -36.40 16.54
N ILE C 245 -2.11 -35.82 17.16
CA ILE C 245 -0.97 -35.30 16.43
C ILE C 245 0.32 -35.96 16.90
N ALA C 246 1.01 -36.65 15.98
CA ALA C 246 2.34 -37.17 16.24
C ALA C 246 3.24 -36.04 16.73
N PRO C 247 4.13 -36.33 17.69
CA PRO C 247 5.09 -35.32 18.13
C PRO C 247 6.22 -35.15 17.11
N ARG C 248 6.84 -33.99 17.17
CA ARG C 248 8.05 -33.73 16.41
C ARG C 248 9.19 -34.65 16.82
N LEU C 249 9.94 -35.11 15.81
CA LEU C 249 10.98 -36.13 15.97
C LEU C 249 12.26 -35.55 16.52
N MET D 1 16.11 -0.85 29.20
CA MET D 1 14.77 -1.28 29.75
C MET D 1 13.73 -0.18 29.68
N MET D 2 12.55 -0.57 29.22
CA MET D 2 11.35 0.27 29.22
C MET D 2 10.10 -0.61 29.25
N LYS D 3 8.97 -0.04 29.70
CA LYS D 3 7.71 -0.77 29.79
C LYS D 3 6.54 0.23 29.70
N ALA D 4 5.99 0.37 28.48
CA ALA D 4 4.82 1.22 28.23
C ALA D 4 3.58 0.39 27.89
N LYS D 5 2.43 0.85 28.36
CA LYS D 5 1.21 0.08 28.28
C LYS D 5 0.13 0.93 27.60
N VAL D 6 -0.33 0.50 26.43
CA VAL D 6 -1.19 1.31 25.57
C VAL D 6 -2.62 1.41 26.08
N ILE D 7 -3.16 2.62 26.01
CA ILE D 7 -4.55 2.93 26.42
C ILE D 7 -5.58 2.45 25.39
N ASP D 8 -5.48 2.95 24.16
CA ASP D 8 -6.31 2.53 23.07
C ASP D 8 -5.43 1.81 22.07
N ALA D 9 -5.45 0.48 22.12
CA ALA D 9 -4.62 -0.37 21.26
C ALA D 9 -5.06 -0.32 19.79
N VAL D 10 -6.33 -0.04 19.55
CA VAL D 10 -6.84 0.00 18.18
C VAL D 10 -6.23 1.21 17.48
N SER D 11 -6.34 2.37 18.13
CA SER D 11 -5.81 3.59 17.58
C SER D 11 -4.30 3.48 17.33
N PHE D 12 -3.58 2.90 18.28
CA PHE D 12 -2.15 2.74 18.19
C PHE D 12 -1.75 2.01 16.93
N SER D 13 -2.50 0.96 16.59
CA SER D 13 -2.14 0.11 15.46
C SER D 13 -2.44 0.75 14.10
N TYR D 14 -3.43 1.64 14.08
CA TYR D 14 -3.72 2.38 12.87
C TYR D 14 -2.72 3.50 12.62
N ILE D 15 -2.02 3.92 13.68
CA ILE D 15 -0.92 4.85 13.55
C ILE D 15 0.24 4.12 12.89
N LEU D 16 0.51 2.91 13.38
CA LEU D 16 1.61 2.10 12.86
C LEU D 16 1.34 1.54 11.48
N ARG D 17 0.08 1.23 11.19
CA ARG D 17 -0.31 0.89 9.83
C ARG D 17 -0.06 2.06 8.87
N THR D 18 -0.28 3.28 9.36
CA THR D 18 -0.05 4.49 8.55
C THR D 18 1.44 4.75 8.37
N VAL D 19 2.19 4.63 9.45
CA VAL D 19 3.64 4.81 9.38
C VAL D 19 4.19 3.85 8.36
N GLY D 20 3.64 2.63 8.34
CA GLY D 20 4.15 1.54 7.53
C GLY D 20 3.77 1.66 6.08
N ASP D 21 2.90 2.62 5.77
CA ASP D 21 2.57 2.91 4.39
C ASP D 21 3.73 3.63 3.73
N PHE D 22 4.54 4.30 4.55
CA PHE D 22 5.64 5.13 4.08
C PHE D 22 7.03 4.56 4.40
N LEU D 23 7.14 3.77 5.47
CA LEU D 23 8.45 3.27 5.92
C LEU D 23 8.48 1.75 6.08
N SER D 24 9.57 1.14 5.63
CA SER D 24 9.81 -0.30 5.84
C SER D 24 10.22 -0.52 7.29
N GLU D 25 11.10 0.35 7.77
CA GLU D 25 11.66 0.22 9.10
C GLU D 25 11.85 1.59 9.71
N ALA D 26 11.92 1.66 11.04
CA ALA D 26 12.01 2.94 11.76
C ALA D 26 12.49 2.71 13.20
N ASN D 27 12.78 3.80 13.92
CA ASN D 27 13.11 3.71 15.33
C ASN D 27 11.98 4.17 16.25
N PHE D 28 11.76 3.42 17.33
CA PHE D 28 11.10 3.97 18.50
C PHE D 28 12.21 4.66 19.29
N ILE D 29 12.13 5.98 19.45
CA ILE D 29 13.05 6.69 20.35
C ILE D 29 12.33 6.96 21.67
N VAL D 30 12.84 6.35 22.74
CA VAL D 30 12.13 6.39 24.02
C VAL D 30 12.85 7.26 25.05
N THR D 31 12.16 8.32 25.47
CA THR D 31 12.68 9.24 26.47
C THR D 31 11.83 9.11 27.75
N LYS D 32 12.13 9.93 28.74
CA LYS D 32 11.36 9.96 29.97
C LYS D 32 10.00 10.58 29.71
N GLU D 33 9.92 11.37 28.64
CA GLU D 33 8.77 12.22 28.36
C GLU D 33 7.95 11.71 27.19
N GLY D 34 8.49 10.76 26.45
CA GLY D 34 7.73 10.15 25.38
C GLY D 34 8.43 9.16 24.48
N ILE D 35 7.68 8.72 23.47
CA ILE D 35 8.15 7.88 22.39
C ILE D 35 7.86 8.65 21.10
N ARG D 36 8.92 9.02 20.39
CA ARG D 36 8.78 9.70 19.11
C ARG D 36 9.05 8.66 18.04
N VAL D 37 8.47 8.85 16.86
CA VAL D 37 8.76 8.03 15.69
C VAL D 37 8.85 8.95 14.46
N SER D 38 10.05 9.04 13.88
CA SER D 38 10.32 10.00 12.81
C SER D 38 10.99 9.36 11.60
N GLY D 39 10.79 9.95 10.43
CA GLY D 39 11.47 9.46 9.23
C GLY D 39 11.00 9.99 7.88
N ILE D 40 11.83 9.73 6.86
CA ILE D 40 11.52 10.06 5.47
C ILE D 40 11.28 8.79 4.62
N ASP D 41 10.20 8.78 3.85
CA ASP D 41 9.90 7.68 2.93
C ASP D 41 10.96 7.58 1.81
N PRO D 42 11.15 6.37 1.25
CA PRO D 42 12.18 6.27 0.21
C PRO D 42 11.74 6.77 -1.19
N SER D 43 11.21 7.99 -1.25
CA SER D 43 11.27 8.77 -2.50
C SER D 43 11.48 10.24 -2.14
N ARG D 44 11.68 10.48 -0.85
CA ARG D 44 11.91 11.80 -0.28
C ARG D 44 10.72 12.73 -0.48
N VAL D 45 9.53 12.14 -0.64
CA VAL D 45 8.31 12.93 -0.87
C VAL D 45 7.59 13.21 0.46
N VAL D 46 7.77 12.31 1.42
CA VAL D 46 7.09 12.41 2.70
C VAL D 46 8.03 12.35 3.91
N PHE D 47 7.83 13.26 4.84
CA PHE D 47 8.42 13.15 6.18
C PHE D 47 7.30 13.05 7.21
N LEU D 48 7.44 12.11 8.15
CA LEU D 48 6.49 11.98 9.25
C LEU D 48 7.18 12.07 10.60
N ASP D 49 6.41 12.46 11.63
CA ASP D 49 6.91 12.58 12.99
C ASP D 49 5.76 12.31 13.96
N ILE D 50 5.86 11.20 14.68
CA ILE D 50 4.82 10.80 15.63
C ILE D 50 5.37 10.92 17.06
N PHE D 51 4.65 11.63 17.93
CA PHE D 51 5.04 11.69 19.34
C PHE D 51 3.92 11.20 20.24
N LEU D 52 4.26 10.27 21.13
CA LEU D 52 3.30 9.74 22.09
C LEU D 52 3.80 10.01 23.51
N PRO D 53 3.12 10.91 24.24
CA PRO D 53 3.53 11.28 25.61
C PRO D 53 3.24 10.17 26.61
N SER D 54 4.02 10.12 27.70
CA SER D 54 3.83 9.12 28.76
C SER D 54 2.39 9.06 29.21
N SER D 55 1.66 10.15 28.99
CA SER D 55 0.25 10.25 29.32
C SER D 55 -0.59 9.36 28.44
N TYR D 56 -0.19 9.26 27.17
CA TYR D 56 -0.78 8.33 26.20
C TYR D 56 -0.79 6.89 26.72
N PHE D 57 0.04 6.59 27.71
CA PHE D 57 0.13 5.24 28.25
C PHE D 57 -0.39 5.13 29.66
N GLU D 58 -0.27 3.93 30.24
CA GLU D 58 -0.69 3.67 31.60
C GLU D 58 0.54 3.78 32.51
N GLY D 59 1.23 2.66 32.71
CA GLY D 59 2.53 2.68 33.33
C GLY D 59 3.55 3.06 32.26
N PHE D 60 4.41 4.01 32.58
CA PHE D 60 5.51 4.36 31.67
C PHE D 60 6.82 4.35 32.45
N GLU D 61 7.74 3.47 32.03
CA GLU D 61 8.94 3.15 32.79
C GLU D 61 10.15 3.13 31.89
N VAL D 62 11.18 3.90 32.24
CA VAL D 62 12.42 3.93 31.47
C VAL D 62 13.64 3.65 32.35
N SER D 63 14.74 3.27 31.71
CA SER D 63 16.02 3.13 32.39
C SER D 63 17.02 4.12 31.84
N GLN D 64 16.88 4.43 30.54
CA GLN D 64 17.89 5.19 29.83
C GLN D 64 17.49 6.63 29.63
N GLU D 65 18.50 7.50 29.51
CA GLU D 65 18.34 8.86 29.00
C GLU D 65 17.66 8.80 27.63
N LYS D 66 18.06 7.78 26.86
CA LYS D 66 17.54 7.53 25.54
C LYS D 66 17.74 6.06 25.20
N GLU D 67 16.65 5.40 24.79
CA GLU D 67 16.71 4.02 24.32
C GLU D 67 16.21 4.01 22.88
N ILE D 68 17.07 3.55 21.96
CA ILE D 68 16.75 3.52 20.54
C ILE D 68 16.34 2.11 20.13
N ILE D 69 15.14 1.98 19.57
CA ILE D 69 14.58 0.68 19.15
C ILE D 69 14.21 0.64 17.67
N GLY D 70 15.01 -0.09 16.90
CA GLY D 70 14.76 -0.31 15.48
C GLY D 70 13.84 -1.49 15.28
N PHE D 71 13.02 -1.42 14.23
CA PHE D 71 12.03 -2.44 13.94
C PHE D 71 11.54 -2.36 12.51
N LYS D 72 11.27 -3.52 11.92
CA LYS D 72 10.55 -3.58 10.66
C LYS D 72 9.07 -3.35 10.97
N LEU D 73 8.48 -2.38 10.28
CA LEU D 73 7.09 -2.03 10.47
C LEU D 73 6.13 -3.17 10.11
N GLU D 74 6.44 -3.89 9.04
CA GLU D 74 5.64 -5.02 8.63
C GLU D 74 5.53 -6.05 9.77
N ASP D 75 6.66 -6.37 10.38
CA ASP D 75 6.74 -7.36 11.46
C ASP D 75 5.89 -6.96 12.67
N VAL D 76 5.91 -5.67 13.01
CA VAL D 76 5.17 -5.11 14.15
C VAL D 76 3.68 -5.07 13.85
N ASN D 77 3.35 -4.65 12.63
CA ASN D 77 1.96 -4.59 12.18
C ASN D 77 1.36 -5.98 12.03
N ASP D 78 2.18 -6.93 11.61
CA ASP D 78 1.74 -8.32 11.55
C ASP D 78 1.37 -8.79 12.94
N ILE D 79 2.16 -8.39 13.93
CA ILE D 79 1.90 -8.77 15.31
C ILE D 79 0.65 -8.08 15.84
N LEU D 80 0.39 -6.85 15.38
CA LEU D 80 -0.78 -6.10 15.84
C LEU D 80 -2.10 -6.56 15.21
N LYS D 81 -2.04 -7.30 14.09
CA LYS D 81 -3.27 -7.94 13.54
C LYS D 81 -3.77 -9.06 14.45
N ARG D 82 -2.96 -9.40 15.46
CA ARG D 82 -3.30 -10.48 16.39
C ARG D 82 -4.09 -9.98 17.59
N VAL D 83 -4.40 -8.68 17.63
CA VAL D 83 -5.07 -8.05 18.77
C VAL D 83 -6.57 -8.37 18.85
N LEU D 84 -7.11 -8.38 20.07
CA LEU D 84 -8.51 -8.71 20.31
C LEU D 84 -9.29 -7.54 20.95
N LYS D 85 -10.63 -7.69 20.99
CA LYS D 85 -11.54 -6.71 21.60
C LYS D 85 -11.11 -6.29 22.99
N ASP D 86 -10.77 -7.29 23.81
CA ASP D 86 -10.54 -7.07 25.23
C ASP D 86 -9.11 -7.45 25.61
N ASP D 87 -8.19 -7.06 24.74
CA ASP D 87 -6.77 -7.19 25.00
C ASP D 87 -6.23 -5.83 25.32
N THR D 88 -5.18 -5.82 26.13
CA THR D 88 -4.39 -4.62 26.33
C THR D 88 -3.03 -4.90 25.77
N LEU D 89 -2.40 -3.86 25.25
CA LEU D 89 -1.09 -3.99 24.65
C LEU D 89 -0.01 -3.39 25.56
N ILE D 90 1.10 -4.13 25.71
CA ILE D 90 2.26 -3.66 26.47
C ILE D 90 3.56 -3.75 25.66
N LEU D 91 4.14 -2.60 25.35
CA LEU D 91 5.46 -2.56 24.73
C LEU D 91 6.55 -2.75 25.80
N SER D 92 7.65 -3.35 25.40
CA SER D 92 8.60 -3.93 26.33
C SER D 92 9.90 -4.13 25.59
N SER D 93 11.03 -3.98 26.29
CA SER D 93 12.33 -4.01 25.64
C SER D 93 13.49 -4.36 26.57
N ASN D 94 14.62 -4.69 25.96
CA ASN D 94 15.93 -4.61 26.60
C ASN D 94 17.01 -4.36 25.55
N GLU D 95 18.21 -4.89 25.82
CA GLU D 95 19.33 -4.79 24.89
C GLU D 95 19.00 -5.47 23.56
N SER D 96 18.42 -6.67 23.63
CA SER D 96 18.27 -7.53 22.46
C SER D 96 16.94 -7.40 21.73
N LYS D 97 15.85 -7.33 22.49
CA LYS D 97 14.54 -7.55 21.88
C LYS D 97 13.40 -6.70 22.40
N LEU D 98 12.67 -6.13 21.44
CA LEU D 98 11.37 -5.55 21.66
C LEU D 98 10.37 -6.67 21.92
N THR D 99 9.48 -6.47 22.89
CA THR D 99 8.42 -7.45 23.16
C THR D 99 7.04 -6.77 23.14
N LEU D 100 6.09 -7.39 22.45
CA LEU D 100 4.70 -6.94 22.46
C LEU D 100 3.79 -7.97 23.12
N THR D 101 3.11 -7.54 24.17
CA THR D 101 2.35 -8.45 25.02
C THR D 101 0.88 -8.05 25.03
N PHE D 102 0.03 -8.99 24.62
CA PHE D 102 -1.41 -8.81 24.66
C PHE D 102 -1.92 -9.47 25.93
N ASP D 103 -2.59 -8.69 26.76
CA ASP D 103 -3.20 -9.25 27.97
C ASP D 103 -4.71 -9.12 27.95
N GLY D 104 -5.40 -10.23 28.22
CA GLY D 104 -6.85 -10.25 28.19
C GLY D 104 -7.31 -11.64 28.57
N GLU D 105 -8.06 -12.28 27.67
CA GLU D 105 -8.55 -13.64 27.88
C GLU D 105 -7.43 -14.46 28.49
N PHE D 106 -6.23 -14.24 27.93
CA PHE D 106 -4.98 -14.76 28.42
C PHE D 106 -3.83 -13.92 27.87
N THR D 107 -2.65 -14.07 28.48
CA THR D 107 -1.47 -13.30 28.13
C THR D 107 -0.71 -13.95 26.97
N ARG D 108 -0.29 -13.13 26.00
CA ARG D 108 0.39 -13.61 24.81
C ARG D 108 1.47 -12.63 24.44
N SER D 109 2.63 -13.16 24.06
CA SER D 109 3.84 -12.36 23.94
C SER D 109 4.53 -12.61 22.60
N PHE D 110 4.87 -11.52 21.90
CA PHE D 110 5.60 -11.62 20.63
C PHE D 110 6.92 -10.84 20.74
N GLU D 111 8.03 -11.49 20.40
CA GLU D 111 9.36 -10.87 20.46
C GLU D 111 9.92 -10.59 19.07
N LEU D 112 10.60 -9.45 18.93
CA LEU D 112 11.38 -9.15 17.72
C LEU D 112 12.77 -8.69 18.10
N PRO D 113 13.80 -9.38 17.57
CA PRO D 113 15.17 -8.91 17.79
C PRO D 113 15.32 -7.49 17.26
N LEU D 114 15.85 -6.58 18.08
CA LEU D 114 16.07 -5.20 17.66
C LEU D 114 16.94 -5.17 16.42
N ILE D 115 16.69 -4.22 15.53
CA ILE D 115 17.56 -4.03 14.36
C ILE D 115 18.17 -2.63 14.28
N GLN D 116 19.19 -2.47 13.45
CA GLN D 116 19.77 -1.15 13.18
C GLN D 116 19.14 -0.49 11.95
N VAL D 117 18.41 0.59 12.21
CA VAL D 117 17.96 1.48 11.16
C VAL D 117 18.50 2.85 11.53
N GLU D 118 19.41 3.37 10.72
CA GLU D 118 19.98 4.68 10.97
C GLU D 118 18.91 5.74 10.78
N SER D 119 18.88 6.71 11.70
CA SER D 119 17.80 7.69 11.76
C SER D 119 17.80 8.71 10.61
N THR D 120 16.61 9.20 10.30
CA THR D 120 16.39 10.25 9.31
C THR D 120 16.20 11.62 9.98
N GLN D 121 16.64 12.69 9.29
CA GLN D 121 16.26 14.06 9.62
C GLN D 121 16.47 15.03 8.45
N PRO D 122 15.49 15.94 8.20
CA PRO D 122 15.67 17.19 7.44
C PRO D 122 15.85 18.44 8.34
N PRO D 123 16.90 19.26 8.07
CA PRO D 123 17.26 20.35 9.00
C PRO D 123 16.30 21.57 8.96
N ASN D 126 13.34 25.39 8.08
CA ASN D 126 12.03 25.84 8.66
C ASN D 126 11.03 26.32 7.62
N LEU D 127 9.79 25.75 7.68
CA LEU D 127 8.76 26.08 6.70
C LEU D 127 7.98 27.36 7.06
N GLU D 128 6.94 27.65 6.26
CA GLU D 128 6.26 28.93 6.34
C GLU D 128 4.79 28.73 6.61
N PHE D 129 4.14 28.11 5.62
CA PHE D 129 2.69 27.84 5.64
C PHE D 129 1.88 29.13 5.66
N PRO D 130 1.66 29.72 4.47
CA PRO D 130 0.72 30.82 4.29
C PRO D 130 -0.68 30.50 4.86
N PHE D 131 -1.10 29.24 4.76
CA PHE D 131 -2.47 28.83 5.08
C PHE D 131 -2.58 27.79 6.23
N LYS D 132 -3.62 27.95 7.04
CA LYS D 132 -3.71 27.32 8.34
C LYS D 132 -5.19 27.02 8.52
N ALA D 133 -5.55 25.74 8.50
CA ALA D 133 -6.94 25.32 8.73
C ALA D 133 -7.04 24.19 9.76
N GLN D 134 -8.02 24.31 10.65
CA GLN D 134 -8.33 23.27 11.62
C GLN D 134 -9.63 22.60 11.21
N LEU D 135 -9.66 21.26 11.25
CA LEU D 135 -10.88 20.50 10.89
C LEU D 135 -10.98 19.14 11.58
N LEU D 136 -12.16 18.55 11.55
CA LEU D 136 -12.36 17.21 12.08
C LEU D 136 -11.71 16.20 11.14
N THR D 137 -10.92 15.31 11.71
CA THR D 137 -10.15 14.35 10.94
C THR D 137 -11.11 13.54 10.09
N ILE D 138 -12.29 13.30 10.63
CA ILE D 138 -13.28 12.43 10.00
C ILE D 138 -13.85 13.08 8.72
N THR D 139 -13.97 14.42 8.74
CA THR D 139 -14.42 15.17 7.58
C THR D 139 -13.40 14.97 6.49
N PHE D 140 -12.14 15.15 6.87
CA PHE D 140 -11.00 14.98 6.01
C PHE D 140 -10.88 13.56 5.46
N ALA D 141 -11.16 12.58 6.30
CA ALA D 141 -11.05 11.18 5.89
C ALA D 141 -12.18 10.82 4.92
N ASP D 142 -13.37 11.36 5.16
CA ASP D 142 -14.53 11.07 4.32
C ASP D 142 -14.36 11.62 2.90
N ILE D 143 -13.82 12.83 2.79
CA ILE D 143 -13.60 13.47 1.50
C ILE D 143 -12.48 12.77 0.71
N ILE D 144 -11.28 12.70 1.30
CA ILE D 144 -10.14 12.07 0.67
C ILE D 144 -10.44 10.61 0.33
N ASP D 145 -11.07 9.85 1.22
CA ASP D 145 -11.50 8.59 0.72
C ASP D 145 -12.39 8.44 -0.47
N GLU D 146 -13.28 9.40 -0.68
CA GLU D 146 -14.07 9.45 -1.91
C GLU D 146 -13.17 9.79 -3.10
N LEU D 147 -12.31 10.80 -2.92
CA LEU D 147 -11.48 11.35 -4.01
C LEU D 147 -10.29 10.49 -4.41
N SER D 148 -9.79 9.70 -3.47
CA SER D 148 -8.57 8.91 -3.67
C SER D 148 -8.70 7.87 -4.78
N ASP D 149 -9.92 7.47 -5.11
CA ASP D 149 -10.13 6.46 -6.13
C ASP D 149 -10.05 7.07 -7.52
N LEU D 150 -10.34 8.36 -7.60
CA LEU D 150 -10.65 8.99 -8.89
C LEU D 150 -9.44 9.21 -9.79
N GLY D 151 -8.29 9.48 -9.16
CA GLY D 151 -7.07 9.80 -9.89
C GLY D 151 -5.86 9.97 -8.98
N GLU D 152 -4.74 10.30 -9.63
CA GLU D 152 -3.44 10.32 -8.96
C GLU D 152 -3.03 11.66 -8.33
N VAL D 153 -3.70 12.76 -8.68
CA VAL D 153 -3.28 14.05 -8.18
C VAL D 153 -4.34 14.78 -7.39
N LEU D 154 -4.03 15.10 -6.14
CA LEU D 154 -4.89 15.97 -5.35
C LEU D 154 -4.48 17.42 -5.56
N ASN D 155 -5.44 18.22 -6.04
CA ASN D 155 -5.25 19.65 -6.15
C ASN D 155 -5.91 20.30 -4.95
N ILE D 156 -5.15 21.13 -4.24
CA ILE D 156 -5.71 21.90 -3.15
C ILE D 156 -5.48 23.37 -3.44
N HIS D 157 -6.55 24.14 -3.33
CA HIS D 157 -6.40 25.57 -3.37
C HIS D 157 -7.31 26.22 -2.33
N SER D 158 -7.02 27.48 -2.02
CA SER D 158 -7.86 28.24 -1.10
C SER D 158 -8.31 29.51 -1.80
N LYS D 159 -9.58 29.86 -1.62
CA LYS D 159 -10.13 31.14 -2.10
C LYS D 159 -11.00 31.79 -1.03
N GLU D 160 -10.58 32.99 -0.58
CA GLU D 160 -11.29 33.77 0.44
C GLU D 160 -11.50 33.03 1.77
N ASN D 161 -10.45 32.34 2.22
CA ASN D 161 -10.45 31.52 3.45
C ASN D 161 -11.28 30.25 3.42
N LYS D 162 -11.69 29.88 2.21
CA LYS D 162 -12.37 28.61 1.97
C LYS D 162 -11.41 27.68 1.23
N LEU D 163 -11.39 26.41 1.68
CA LEU D 163 -10.44 25.39 1.23
C LEU D 163 -11.12 24.46 0.22
N TYR D 164 -10.41 24.12 -0.84
CA TYR D 164 -10.96 23.30 -1.90
C TYR D 164 -10.07 22.12 -2.18
N PHE D 165 -10.66 20.92 -2.15
CA PHE D 165 -9.97 19.69 -2.59
C PHE D 165 -10.49 19.28 -3.95
N GLU D 166 -9.60 18.84 -4.85
CA GLU D 166 -9.96 18.57 -6.25
C GLU D 166 -9.16 17.44 -6.88
N VAL D 167 -9.84 16.57 -7.63
CA VAL D 167 -9.15 15.59 -8.49
C VAL D 167 -9.80 15.53 -9.88
N ILE D 168 -9.05 16.02 -10.88
CA ILE D 168 -9.36 15.75 -12.27
C ILE D 168 -8.76 14.39 -12.55
N GLY D 169 -9.62 13.41 -12.73
CA GLY D 169 -9.18 12.05 -12.93
C GLY D 169 -9.58 11.55 -14.29
N ASP D 170 -9.66 10.23 -14.37
CA ASP D 170 -9.66 9.48 -15.60
C ASP D 170 -11.02 9.43 -16.29
N LEU D 171 -12.03 9.00 -15.55
CA LEU D 171 -13.41 8.92 -16.03
C LEU D 171 -14.22 9.92 -15.23
N SER D 172 -13.59 10.45 -14.20
CA SER D 172 -14.31 11.15 -13.16
C SER D 172 -13.50 12.27 -12.58
N THR D 173 -14.16 13.40 -12.39
CA THR D 173 -13.56 14.52 -11.70
C THR D 173 -14.53 15.11 -10.68
N ALA D 174 -14.01 15.42 -9.50
CA ALA D 174 -14.82 15.96 -8.40
C ALA D 174 -14.12 17.11 -7.69
N LYS D 175 -14.90 18.06 -7.19
CA LYS D 175 -14.36 19.20 -6.45
C LYS D 175 -15.26 19.56 -5.26
N VAL D 176 -14.68 19.66 -4.08
CA VAL D 176 -15.44 19.91 -2.83
C VAL D 176 -14.91 21.11 -2.06
N GLU D 177 -15.82 21.92 -1.52
CA GLU D 177 -15.48 23.15 -0.80
C GLU D 177 -15.71 23.01 0.69
N LEU D 178 -14.68 23.37 1.47
CA LEU D 178 -14.78 23.41 2.93
C LEU D 178 -14.59 24.84 3.45
N SER D 179 -15.43 25.22 4.40
CA SER D 179 -15.36 26.54 5.01
C SER D 179 -15.83 26.55 6.47
N THR D 180 -15.76 27.72 7.09
CA THR D 180 -16.29 27.89 8.44
C THR D 180 -17.78 28.24 8.41
N ASP D 181 -18.29 28.66 7.25
CA ASP D 181 -19.70 29.08 7.14
C ASP D 181 -20.67 27.90 7.12
N ASN D 182 -20.12 26.72 6.83
CA ASN D 182 -20.76 25.42 7.03
C ASN D 182 -20.55 24.92 8.44
N GLY D 183 -19.33 25.05 8.92
CA GLY D 183 -18.86 24.32 10.10
C GLY D 183 -17.98 23.16 9.69
N THR D 184 -17.84 22.95 8.37
CA THR D 184 -16.97 21.88 7.84
C THR D 184 -15.51 22.09 8.24
N LEU D 185 -15.14 23.35 8.47
CA LEU D 185 -13.86 23.72 9.05
C LEU D 185 -14.05 24.32 10.44
N LEU D 186 -13.16 23.99 11.36
CA LEU D 186 -13.20 24.56 12.72
C LEU D 186 -12.67 25.99 12.80
N GLU D 187 -11.46 26.19 12.28
CA GLU D 187 -10.86 27.52 12.11
C GLU D 187 -10.16 27.50 10.76
N ALA D 188 -10.18 28.64 10.06
CA ALA D 188 -9.55 28.73 8.74
C ALA D 188 -8.97 30.12 8.50
N SER D 189 -7.68 30.20 8.20
CA SER D 189 -6.98 31.47 8.09
C SER D 189 -5.74 31.42 7.19
N GLY D 190 -5.55 32.53 6.41
CA GLY D 190 -4.39 32.69 5.54
C GLY D 190 -4.68 33.21 4.14
N ALA D 191 -3.63 33.65 3.43
CA ALA D 191 -3.76 34.18 2.07
C ALA D 191 -4.22 33.09 1.13
N ASP D 192 -4.81 33.44 -0.01
CA ASP D 192 -5.24 32.38 -0.91
C ASP D 192 -4.20 31.94 -1.94
N VAL D 193 -3.95 30.62 -1.94
CA VAL D 193 -2.83 30.02 -2.65
C VAL D 193 -3.32 28.74 -3.33
N SER D 194 -2.43 28.10 -4.09
CA SER D 194 -2.84 26.94 -4.89
C SER D 194 -1.68 25.98 -5.14
N SER D 195 -1.86 24.73 -4.70
CA SER D 195 -0.81 23.71 -4.84
C SER D 195 -1.43 22.36 -5.13
N SER D 196 -0.59 21.36 -5.41
CA SER D 196 -1.06 20.02 -5.71
C SER D 196 -0.10 18.94 -5.18
N TYR D 197 -0.65 17.77 -4.87
CA TYR D 197 0.13 16.71 -4.23
C TYR D 197 -0.23 15.31 -4.72
N GLY D 198 0.67 14.35 -4.52
CA GLY D 198 0.38 12.95 -4.85
C GLY D 198 -0.74 12.37 -4.01
N MET D 199 -1.81 11.95 -4.68
CA MET D 199 -3.03 11.46 -4.03
C MET D 199 -2.84 10.24 -3.10
N GLU D 200 -1.95 9.33 -3.46
CA GLU D 200 -1.73 8.12 -2.69
C GLU D 200 -1.02 8.39 -1.35
N TYR D 201 -0.19 9.43 -1.31
CA TYR D 201 0.44 9.83 -0.07
C TYR D 201 -0.63 10.36 0.89
N VAL D 202 -1.48 11.27 0.41
CA VAL D 202 -2.54 11.85 1.23
C VAL D 202 -3.55 10.79 1.66
N ALA D 203 -4.06 10.02 0.69
CA ALA D 203 -5.06 8.99 0.94
C ALA D 203 -4.60 8.01 2.00
N ASN D 204 -3.30 7.72 2.02
CA ASN D 204 -2.75 6.82 3.01
C ASN D 204 -2.97 7.29 4.47
N THR D 205 -3.26 8.59 4.66
CA THR D 205 -3.28 9.15 6.02
C THR D 205 -4.64 9.07 6.70
N THR D 206 -5.70 8.93 5.90
CA THR D 206 -7.07 8.88 6.42
C THR D 206 -7.30 7.84 7.53
N LYS D 207 -6.48 6.80 7.56
CA LYS D 207 -6.47 5.85 8.66
C LYS D 207 -6.26 6.52 10.03
N MET D 208 -5.63 7.69 10.04
CA MET D 208 -5.39 8.45 11.28
C MET D 208 -6.69 8.81 12.02
N ARG D 209 -7.77 8.92 11.23
CA ARG D 209 -9.15 9.02 11.73
C ARG D 209 -9.40 8.28 13.04
N ARG D 210 -8.88 7.07 13.15
CA ARG D 210 -9.16 6.16 14.26
C ARG D 210 -8.29 6.41 15.48
N ALA D 211 -7.38 7.38 15.37
CA ALA D 211 -6.58 7.81 16.52
C ALA D 211 -6.69 9.31 16.80
N SER D 212 -7.23 10.04 15.82
CA SER D 212 -7.34 11.50 15.87
C SER D 212 -8.74 11.99 15.56
N ASP D 213 -9.30 12.79 16.46
CA ASP D 213 -10.61 13.38 16.25
C ASP D 213 -10.44 14.74 15.60
N SER D 214 -9.30 15.35 15.88
CA SER D 214 -9.05 16.71 15.46
C SER D 214 -7.76 16.79 14.66
N MET D 215 -7.76 17.63 13.61
CA MET D 215 -6.54 17.85 12.84
C MET D 215 -6.27 19.31 12.46
N GLU D 216 -5.01 19.57 12.11
CA GLU D 216 -4.59 20.85 11.57
C GLU D 216 -4.00 20.59 10.20
N LEU D 217 -4.26 21.51 9.27
CA LEU D 217 -3.74 21.42 7.91
C LEU D 217 -3.02 22.69 7.51
N TYR D 218 -1.80 22.55 6.99
CA TYR D 218 -1.09 23.70 6.45
C TYR D 218 -0.61 23.42 5.03
N PHE D 219 -0.51 24.49 4.23
CA PHE D 219 0.08 24.43 2.87
C PHE D 219 0.33 25.81 2.26
N GLY D 220 0.67 25.80 0.96
CA GLY D 220 1.07 27.00 0.22
C GLY D 220 1.61 26.58 -1.14
N SER D 221 1.81 27.53 -2.03
CA SER D 221 2.28 27.22 -3.37
C SER D 221 3.74 26.79 -3.36
N GLN D 222 4.01 25.59 -3.90
CA GLN D 222 5.38 25.08 -4.10
C GLN D 222 6.07 24.65 -2.81
N ILE D 223 5.28 24.28 -1.80
CA ILE D 223 5.81 23.84 -0.51
C ILE D 223 5.02 22.65 0.02
N PRO D 224 5.53 21.98 1.07
CA PRO D 224 4.89 20.75 1.55
C PRO D 224 3.53 20.97 2.21
N LEU D 225 2.59 20.04 1.98
CA LEU D 225 1.35 20.03 2.72
C LEU D 225 1.66 19.42 4.07
N LYS D 226 1.26 20.10 5.14
CA LYS D 226 1.42 19.53 6.47
C LYS D 226 0.07 19.14 7.02
N LEU D 227 0.01 17.90 7.53
CA LEU D 227 -1.18 17.41 8.20
C LEU D 227 -0.78 17.01 9.61
N ARG D 228 -1.36 17.72 10.60
CA ARG D 228 -1.16 17.39 12.00
C ARG D 228 -2.43 16.80 12.57
N PHE D 229 -2.45 15.48 12.68
CA PHE D 229 -3.53 14.79 13.32
C PHE D 229 -3.32 14.86 14.84
N LYS D 230 -4.21 15.58 15.53
CA LYS D 230 -4.08 15.73 16.98
C LYS D 230 -4.43 14.44 17.71
N LEU D 231 -3.69 14.14 18.76
CA LEU D 231 -3.90 12.92 19.52
C LEU D 231 -4.13 13.26 20.99
N PRO D 232 -4.68 12.30 21.76
CA PRO D 232 -4.86 12.48 23.20
C PRO D 232 -3.58 12.90 23.93
N GLN D 233 -3.74 13.69 24.98
CA GLN D 233 -2.65 14.03 25.91
C GLN D 233 -1.59 14.93 25.28
N GLU D 234 -2.00 15.65 24.24
CA GLU D 234 -1.14 16.58 23.51
C GLU D 234 -0.28 15.88 22.47
N GLY D 235 -0.40 14.57 22.34
CA GLY D 235 0.35 13.81 21.33
C GLY D 235 0.00 14.28 19.93
N TYR D 236 0.77 13.83 18.94
CA TYR D 236 0.54 14.27 17.56
C TYR D 236 1.13 13.38 16.47
N GLY D 237 0.40 13.29 15.35
CA GLY D 237 0.89 12.62 14.14
C GLY D 237 1.05 13.58 12.95
N ASP D 238 2.29 13.98 12.70
CA ASP D 238 2.58 14.97 11.67
C ASP D 238 2.97 14.32 10.34
N PHE D 239 2.30 14.75 9.27
CA PHE D 239 2.75 14.35 7.93
C PHE D 239 3.07 15.54 7.03
N TYR D 240 4.27 15.49 6.47
CA TYR D 240 4.70 16.50 5.52
C TYR D 240 4.77 15.80 4.16
N ILE D 241 3.94 16.26 3.23
CA ILE D 241 3.92 15.69 1.89
C ILE D 241 4.33 16.76 0.87
N ALA D 242 5.46 16.55 0.19
CA ALA D 242 6.01 17.52 -0.77
C ALA D 242 5.08 17.74 -1.98
N PRO D 243 5.12 18.94 -2.59
CA PRO D 243 4.25 19.13 -3.76
C PRO D 243 4.83 18.41 -4.96
N ARG D 244 4.10 18.35 -6.06
CA ARG D 244 4.71 17.99 -7.35
C ARG D 244 5.03 19.23 -8.19
N ALA D 245 4.55 20.37 -7.68
CA ALA D 245 4.41 21.59 -8.51
C ALA D 245 5.74 22.16 -9.02
#